data_4DNA
#
_entry.id   4DNA
#
_cell.length_a   112.936
_cell.length_b   118.327
_cell.length_c   163.777
_cell.angle_alpha   90.00
_cell.angle_beta   90.00
_cell.angle_gamma   90.00
#
_symmetry.space_group_name_H-M   'I 2 2 2'
#
loop_
_entity.id
_entity.type
_entity.pdbx_description
1 polymer 'Probable glutathione reductase'
2 non-polymer 'FLAVIN-ADENINE DINUCLEOTIDE'
3 water water
#
_entity_poly.entity_id   1
_entity_poly.type   'polypeptide(L)'
_entity_poly.pdbx_seq_one_letter_code
;(MSE)SAFDYDLFVIGGGSGGVRSGRLAAALGKKVAIAEEFRYGGTCVIRGCVPKKLYVYASQFAEHFEDAAGFGWTVGE
SRFDWAKLVAAKEQEIARLEGLYRKGLANAGAEILDTRAELAGPNTVKLLASGKTVTAERIVIAVGGHPSPHDALPGHEL
CITSNEAFDLPALPESILIAGGGYIAVEFANIFHGLGVKTTLIYRGKEILSRFDQD(MSE)RRGLHAA(MSE)EEKGIRI
LCEDIIQSVSADADGRRVATT(MSE)KHGEIVADQV(MSE)LALGR(MSE)PNTNGLGLEAAGVRTNELGAIIVDAFSRT
STPGIYALGDVTDRVQLTPVAIHEA(MSE)CFIETEYKNNPTSPDHDLIATAVFSQPEIGTVGITEEEAARKFQEIEVYR
AEFRP(MSE)KATLSGRKEKTI(MSE)KLVVNAADRKVVGAHILGHDAGE(MSE)AQLLGISLRAGCTKDDFDRT(MSE)
AVHPTAAEELVT(MSE)YQPSYRVRNGERVG
;
_entity_poly.pdbx_strand_id   A,B
#
# COMPACT_ATOMS: atom_id res chain seq x y z
N ALA A 3 35.42 -39.03 8.98
CA ALA A 3 34.51 -37.95 9.45
C ALA A 3 33.07 -38.45 9.64
N PHE A 4 32.12 -37.54 9.50
CA PHE A 4 30.70 -37.82 9.79
C PHE A 4 29.91 -38.11 8.53
N ASP A 5 28.73 -38.69 8.69
CA ASP A 5 27.81 -38.92 7.58
C ASP A 5 27.54 -37.63 6.82
N TYR A 6 27.22 -36.57 7.55
CA TYR A 6 26.91 -35.29 6.92
C TYR A 6 27.72 -34.18 7.57
N ASP A 7 27.84 -33.06 6.88
CA ASP A 7 28.45 -31.89 7.49
C ASP A 7 27.40 -31.21 8.35
N LEU A 8 26.15 -31.27 7.90
CA LEU A 8 25.08 -30.53 8.53
C LEU A 8 23.73 -31.22 8.47
N PHE A 9 23.25 -31.72 9.60
CA PHE A 9 21.87 -32.17 9.69
C PHE A 9 20.97 -31.03 10.19
N VAL A 10 19.83 -30.87 9.52
CA VAL A 10 18.83 -29.86 9.86
C VAL A 10 17.54 -30.58 10.28
N ILE A 11 17.13 -30.41 11.54
CA ILE A 11 15.88 -30.98 11.98
C ILE A 11 14.76 -29.97 11.86
N GLY A 12 13.80 -30.25 10.97
CA GLY A 12 12.64 -29.39 10.78
C GLY A 12 12.63 -28.72 9.42
N GLY A 13 11.56 -28.92 8.65
CA GLY A 13 11.50 -28.44 7.28
C GLY A 13 10.63 -27.23 7.08
N GLY A 14 10.60 -26.35 8.06
CA GLY A 14 9.89 -25.10 7.94
C GLY A 14 10.79 -24.02 7.38
N SER A 15 10.38 -22.77 7.58
CA SER A 15 11.06 -21.62 7.02
C SER A 15 12.55 -21.59 7.40
N GLY A 16 12.83 -21.64 8.69
CA GLY A 16 14.22 -21.64 9.17
C GLY A 16 15.09 -22.77 8.62
N GLY A 17 14.56 -23.99 8.68
CA GLY A 17 15.31 -25.17 8.30
C GLY A 17 15.60 -25.23 6.83
N VAL A 18 14.59 -24.90 6.01
CA VAL A 18 14.73 -24.98 4.57
C VAL A 18 15.77 -23.99 4.08
N ARG A 19 15.67 -22.76 4.56
CA ARG A 19 16.66 -21.75 4.23
C ARG A 19 18.03 -22.31 4.58
N SER A 20 18.18 -22.76 5.82
CA SER A 20 19.43 -23.28 6.33
C SER A 20 20.00 -24.36 5.42
N GLY A 21 19.22 -25.42 5.19
CA GLY A 21 19.65 -26.54 4.38
C GLY A 21 20.02 -26.12 2.97
N ARG A 22 19.07 -25.48 2.27
CA ARG A 22 19.27 -25.04 0.90
C ARG A 22 20.52 -24.21 0.81
N LEU A 23 20.64 -23.19 1.66
CA LEU A 23 21.83 -22.34 1.60
C LEU A 23 23.10 -23.16 1.73
N ALA A 24 23.18 -23.95 2.79
CA ALA A 24 24.39 -24.73 3.11
C ALA A 24 24.76 -25.77 2.06
N ALA A 25 23.76 -26.43 1.49
CA ALA A 25 23.97 -27.41 0.44
C ALA A 25 24.54 -26.72 -0.80
N ALA A 26 23.97 -25.56 -1.12
CA ALA A 26 24.45 -24.73 -2.23
C ALA A 26 25.87 -24.20 -2.01
N LEU A 27 26.52 -24.61 -0.93
CA LEU A 27 27.95 -24.33 -0.70
C LEU A 27 28.79 -25.61 -0.78
N GLY A 28 28.23 -26.66 -1.38
CA GLY A 28 28.91 -27.93 -1.55
C GLY A 28 29.17 -28.67 -0.24
N LYS A 29 28.27 -28.49 0.72
CA LYS A 29 28.34 -29.21 1.99
C LYS A 29 27.41 -30.40 1.95
N LYS A 30 27.83 -31.51 2.54
CA LYS A 30 26.95 -32.65 2.78
C LYS A 30 25.87 -32.23 3.79
N VAL A 31 24.65 -32.02 3.30
CA VAL A 31 23.54 -31.62 4.17
C VAL A 31 22.44 -32.67 4.16
N ALA A 32 21.77 -32.88 5.29
CA ALA A 32 20.57 -33.71 5.34
C ALA A 32 19.43 -32.98 6.07
N ILE A 33 18.19 -33.19 5.64
CA ILE A 33 17.05 -32.51 6.27
C ILE A 33 15.82 -33.43 6.44
N ALA A 34 15.23 -33.38 7.63
CA ALA A 34 14.08 -34.23 7.95
C ALA A 34 12.85 -33.43 8.33
N GLU A 35 11.73 -33.68 7.64
CA GLU A 35 10.44 -33.12 8.03
C GLU A 35 9.44 -34.23 8.35
N GLU A 36 8.83 -34.14 9.53
CA GLU A 36 7.89 -35.16 10.03
C GLU A 36 6.45 -35.01 9.56
N PHE A 37 6.23 -34.10 8.61
CA PHE A 37 4.86 -33.76 8.22
C PHE A 37 4.86 -33.26 6.78
N ARG A 38 5.03 -31.95 6.59
CA ARG A 38 4.99 -31.33 5.25
C ARG A 38 6.02 -30.20 5.10
N TYR A 39 6.87 -30.33 4.09
CA TYR A 39 7.93 -29.35 3.79
C TYR A 39 7.36 -27.96 3.46
N GLY A 40 8.00 -26.93 4.02
CA GLY A 40 7.51 -25.55 3.89
C GLY A 40 7.10 -24.99 5.25
N GLY A 41 6.76 -25.90 6.18
CA GLY A 41 6.52 -25.54 7.58
C GLY A 41 5.22 -24.81 7.83
N THR A 42 5.03 -24.33 9.06
CA THR A 42 3.80 -23.62 9.42
C THR A 42 3.41 -22.51 8.43
N CYS A 43 4.33 -21.61 8.12
CA CYS A 43 3.97 -20.44 7.34
C CYS A 43 3.25 -20.85 6.07
N VAL A 44 3.88 -21.76 5.33
CA VAL A 44 3.36 -22.24 4.05
C VAL A 44 2.08 -23.03 4.26
N ILE A 45 2.11 -23.99 5.17
CA ILE A 45 1.05 -24.97 5.21
C ILE A 45 -0.18 -24.53 5.99
N ARG A 46 0.03 -23.92 7.15
CA ARG A 46 -1.07 -23.59 8.06
C ARG A 46 -0.78 -22.32 8.87
N GLY A 47 -0.18 -21.33 8.20
CA GLY A 47 0.16 -20.05 8.79
C GLY A 47 0.00 -18.93 7.77
N CYS A 48 1.04 -18.11 7.63
CA CYS A 48 0.97 -16.85 6.88
C CYS A 48 0.28 -17.03 5.53
N VAL A 49 0.78 -17.97 4.72
CA VAL A 49 0.27 -18.20 3.36
C VAL A 49 -1.22 -18.48 3.37
N PRO A 50 -1.64 -19.67 3.86
CA PRO A 50 -3.08 -19.92 3.83
C PRO A 50 -3.88 -18.82 4.52
N LYS A 51 -3.33 -18.25 5.59
CA LYS A 51 -4.07 -17.25 6.33
C LYS A 51 -4.46 -16.11 5.41
N LYS A 52 -3.48 -15.59 4.68
CA LYS A 52 -3.69 -14.40 3.87
C LYS A 52 -4.69 -14.67 2.74
N LEU A 53 -4.76 -15.90 2.28
CA LEU A 53 -5.74 -16.27 1.27
C LEU A 53 -7.15 -16.16 1.83
N TYR A 54 -7.33 -16.71 3.02
CA TYR A 54 -8.63 -16.70 3.68
C TYR A 54 -9.06 -15.28 3.99
N VAL A 55 -8.08 -14.42 4.26
CA VAL A 55 -8.34 -13.00 4.42
C VAL A 55 -8.92 -12.47 3.11
N TYR A 56 -8.28 -12.81 2.00
CA TYR A 56 -8.74 -12.37 0.70
C TYR A 56 -10.16 -12.88 0.44
N ALA A 57 -10.35 -14.19 0.65
CA ALA A 57 -11.67 -14.80 0.52
C ALA A 57 -12.69 -14.03 1.30
N SER A 58 -12.35 -13.59 2.51
CA SER A 58 -13.29 -12.91 3.37
C SER A 58 -13.55 -11.48 2.95
N GLN A 59 -12.61 -10.85 2.25
CA GLN A 59 -12.73 -9.45 1.85
C GLN A 59 -13.77 -9.21 0.74
N PHE A 60 -14.04 -10.22 -0.06
CA PHE A 60 -14.98 -10.02 -1.18
C PHE A 60 -16.38 -9.67 -0.70
N ALA A 61 -16.74 -10.15 0.49
CA ALA A 61 -18.06 -9.89 1.06
C ALA A 61 -18.32 -8.39 1.07
N GLU A 62 -17.34 -7.65 1.58
CA GLU A 62 -17.42 -6.21 1.64
C GLU A 62 -17.38 -5.58 0.25
N HIS A 63 -16.65 -6.20 -0.66
CA HIS A 63 -16.57 -5.70 -2.04
C HIS A 63 -17.90 -5.67 -2.71
N PHE A 64 -18.73 -6.69 -2.47
CA PHE A 64 -20.04 -6.77 -3.09
C PHE A 64 -20.95 -5.64 -2.66
N GLU A 65 -21.05 -5.40 -1.35
CA GLU A 65 -21.92 -4.34 -0.85
C GLU A 65 -21.36 -2.96 -1.20
N ASP A 66 -20.03 -2.85 -1.16
CA ASP A 66 -19.38 -1.59 -1.45
C ASP A 66 -19.58 -1.13 -2.87
N ALA A 67 -19.75 -2.08 -3.81
CA ALA A 67 -19.91 -1.76 -5.23
C ALA A 67 -21.21 -1.01 -5.51
N ALA A 68 -22.18 -1.13 -4.61
CA ALA A 68 -23.51 -0.55 -4.81
C ALA A 68 -23.43 0.96 -5.01
N GLY A 69 -22.61 1.59 -4.17
CA GLY A 69 -22.45 3.04 -4.18
C GLY A 69 -21.74 3.56 -5.40
N PHE A 70 -21.24 2.66 -6.24
CA PHE A 70 -20.56 3.02 -7.48
C PHE A 70 -21.36 2.70 -8.74
N GLY A 71 -22.67 2.50 -8.62
CA GLY A 71 -23.54 2.29 -9.78
C GLY A 71 -23.65 0.85 -10.23
N TRP A 72 -23.11 -0.05 -9.43
CA TRP A 72 -23.25 -1.49 -9.64
C TRP A 72 -24.42 -2.01 -8.86
N THR A 73 -25.10 -3.01 -9.43
CA THR A 73 -26.10 -3.80 -8.75
C THR A 73 -25.60 -5.23 -8.93
N VAL A 74 -25.15 -5.83 -7.84
CA VAL A 74 -24.70 -7.21 -7.89
C VAL A 74 -25.79 -8.12 -7.34
N GLY A 75 -26.15 -9.15 -8.10
CA GLY A 75 -27.13 -10.15 -7.65
C GLY A 75 -26.50 -10.95 -6.52
N GLU A 76 -27.33 -11.58 -5.68
CA GLU A 76 -26.80 -12.25 -4.49
C GLU A 76 -25.71 -13.24 -4.83
N SER A 77 -24.75 -13.36 -3.93
CA SER A 77 -23.58 -14.18 -4.15
C SER A 77 -23.50 -15.16 -3.01
N ARG A 78 -22.93 -16.33 -3.27
CA ARG A 78 -22.91 -17.39 -2.30
C ARG A 78 -21.51 -17.95 -2.17
N PHE A 79 -21.11 -18.17 -0.91
CA PHE A 79 -19.79 -18.70 -0.61
C PHE A 79 -19.75 -20.22 -0.39
N ASP A 80 -18.80 -20.88 -1.04
CA ASP A 80 -18.61 -22.32 -0.95
C ASP A 80 -17.29 -22.64 -0.23
N TRP A 81 -17.35 -22.89 1.07
CA TRP A 81 -16.18 -23.28 1.86
C TRP A 81 -15.35 -24.38 1.24
N ALA A 82 -16.00 -25.48 0.87
CA ALA A 82 -15.31 -26.61 0.26
C ALA A 82 -14.47 -26.20 -0.95
N LYS A 83 -14.88 -25.15 -1.64
CA LYS A 83 -14.13 -24.70 -2.79
C LYS A 83 -12.86 -23.91 -2.43
N LEU A 84 -12.98 -23.05 -1.42
CA LEU A 84 -11.85 -22.32 -0.86
C LEU A 84 -10.80 -23.30 -0.35
N VAL A 85 -11.15 -24.09 0.67
CA VAL A 85 -10.24 -25.09 1.21
C VAL A 85 -9.54 -25.89 0.11
N ALA A 86 -10.28 -26.23 -0.96
CA ALA A 86 -9.69 -26.99 -2.04
C ALA A 86 -8.69 -26.14 -2.81
N ALA A 87 -9.13 -24.92 -3.17
CA ALA A 87 -8.27 -23.97 -3.86
C ALA A 87 -7.00 -23.73 -3.06
N LYS A 88 -7.12 -23.73 -1.73
CA LYS A 88 -5.97 -23.57 -0.85
C LYS A 88 -5.01 -24.75 -0.92
N GLU A 89 -5.51 -25.98 -0.83
CA GLU A 89 -4.64 -27.13 -0.88
C GLU A 89 -3.84 -27.18 -2.16
N GLN A 90 -4.48 -26.78 -3.27
CA GLN A 90 -3.81 -26.88 -4.55
C GLN A 90 -2.59 -26.00 -4.52
N GLU A 91 -2.69 -24.88 -3.80
CA GLU A 91 -1.62 -23.91 -3.75
C GLU A 91 -0.51 -24.31 -2.79
N ILE A 92 -0.89 -24.75 -1.59
CA ILE A 92 0.12 -25.13 -0.61
C ILE A 92 0.86 -26.37 -1.08
N ALA A 93 0.15 -27.25 -1.78
CA ALA A 93 0.79 -28.42 -2.40
C ALA A 93 1.82 -27.98 -3.43
N ARG A 94 1.46 -26.99 -4.25
CA ARG A 94 2.38 -26.41 -5.24
C ARG A 94 3.59 -25.80 -4.55
N LEU A 95 3.36 -25.00 -3.52
CA LEU A 95 4.44 -24.39 -2.75
C LEU A 95 5.31 -25.46 -2.11
N GLU A 96 4.68 -26.35 -1.33
CA GLU A 96 5.39 -27.51 -0.74
C GLU A 96 6.35 -28.11 -1.73
N GLY A 97 5.88 -28.33 -2.96
CA GLY A 97 6.66 -28.97 -4.00
C GLY A 97 7.82 -28.13 -4.47
N LEU A 98 7.63 -26.82 -4.51
CA LEU A 98 8.70 -25.91 -4.91
C LEU A 98 9.83 -25.88 -3.91
N TYR A 99 9.49 -25.96 -2.62
CA TYR A 99 10.52 -26.02 -1.58
C TYR A 99 11.31 -27.31 -1.66
N ARG A 100 10.61 -28.43 -1.85
CA ARG A 100 11.22 -29.73 -2.05
C ARG A 100 12.16 -29.66 -3.26
N LYS A 101 11.65 -29.12 -4.37
CA LYS A 101 12.45 -28.99 -5.58
C LYS A 101 13.69 -28.11 -5.34
N GLY A 102 13.52 -27.03 -4.58
CA GLY A 102 14.61 -26.11 -4.27
C GLY A 102 15.76 -26.79 -3.56
N LEU A 103 15.43 -27.66 -2.61
CA LEU A 103 16.44 -28.31 -1.79
C LEU A 103 17.26 -29.26 -2.65
N ALA A 104 16.55 -30.14 -3.34
CA ALA A 104 17.15 -31.12 -4.24
C ALA A 104 18.12 -30.46 -5.21
N ASN A 105 17.67 -29.40 -5.89
CA ASN A 105 18.52 -28.61 -6.80
C ASN A 105 19.84 -28.09 -6.22
N ALA A 106 19.84 -27.77 -4.94
CA ALA A 106 21.06 -27.34 -4.25
C ALA A 106 21.92 -28.55 -3.86
N GLY A 107 21.32 -29.75 -3.81
CA GLY A 107 22.03 -30.98 -3.50
C GLY A 107 21.73 -31.64 -2.16
N ALA A 108 21.06 -30.91 -1.27
CA ALA A 108 20.69 -31.43 0.04
C ALA A 108 19.84 -32.70 -0.05
N GLU A 109 20.05 -33.61 0.89
CA GLU A 109 19.29 -34.86 0.93
C GLU A 109 17.99 -34.70 1.71
N ILE A 110 16.87 -34.98 1.04
CA ILE A 110 15.55 -34.86 1.64
C ILE A 110 15.05 -36.21 2.11
N LEU A 111 14.59 -36.28 3.35
CA LEU A 111 13.94 -37.47 3.89
C LEU A 111 12.72 -37.09 4.69
N ASP A 112 11.68 -37.90 4.59
CA ASP A 112 10.42 -37.64 5.26
C ASP A 112 10.28 -38.55 6.48
N THR A 113 10.58 -37.98 7.63
CA THR A 113 10.69 -38.70 8.89
C THR A 113 10.78 -37.66 9.99
N ARG A 114 10.32 -38.02 11.18
CA ARG A 114 10.66 -37.26 12.37
C ARG A 114 12.11 -37.62 12.73
N ALA A 115 12.86 -36.65 13.25
CA ALA A 115 14.23 -36.89 13.71
C ALA A 115 14.40 -36.54 15.19
N GLU A 116 15.11 -37.40 15.91
CA GLU A 116 15.45 -37.13 17.31
C GLU A 116 16.95 -37.18 17.53
N LEU A 117 17.36 -36.78 18.73
CA LEU A 117 18.76 -36.68 19.04
C LEU A 117 19.26 -37.82 19.90
N ALA A 118 20.26 -38.52 19.38
CA ALA A 118 21.06 -39.49 20.12
C ALA A 118 22.13 -38.78 20.98
N GLY A 119 23.39 -38.86 20.55
CA GLY A 119 24.50 -38.12 21.16
C GLY A 119 24.42 -36.60 20.93
N PRO A 120 25.59 -35.93 20.87
CA PRO A 120 25.56 -34.51 20.52
C PRO A 120 26.02 -34.24 19.08
N ASN A 121 26.37 -35.30 18.35
CA ASN A 121 26.68 -35.22 16.92
C ASN A 121 25.95 -36.31 16.14
N THR A 122 25.00 -36.97 16.82
CA THR A 122 24.29 -38.13 16.27
C THR A 122 22.77 -37.94 16.29
N VAL A 123 22.14 -38.17 15.15
CA VAL A 123 20.70 -37.96 14.99
C VAL A 123 20.04 -39.27 14.63
N LYS A 124 18.98 -39.65 15.36
CA LYS A 124 18.18 -40.82 14.98
C LYS A 124 16.95 -40.45 14.15
N LEU A 125 16.64 -41.31 13.18
CA LEU A 125 15.56 -41.09 12.23
C LEU A 125 14.51 -42.18 12.41
N LEU A 126 13.39 -41.83 13.02
CA LEU A 126 12.42 -42.83 13.46
C LEU A 126 11.85 -43.69 12.33
N ALA A 127 11.45 -43.07 11.23
CA ALA A 127 10.80 -43.78 10.11
C ALA A 127 11.57 -45.01 9.60
N SER A 128 12.89 -44.89 9.44
CA SER A 128 13.71 -46.04 9.07
C SER A 128 14.25 -46.80 10.29
N GLY A 129 14.20 -46.15 11.46
CA GLY A 129 14.80 -46.68 12.67
C GLY A 129 16.31 -46.60 12.66
N LYS A 130 16.86 -45.71 11.84
CA LYS A 130 18.32 -45.54 11.68
C LYS A 130 18.97 -44.45 12.55
N THR A 131 20.29 -44.47 12.59
CA THR A 131 21.13 -43.59 13.40
C THR A 131 22.15 -42.90 12.50
N VAL A 132 22.23 -41.57 12.57
CA VAL A 132 23.09 -40.80 11.67
C VAL A 132 23.95 -39.75 12.37
N THR A 133 25.16 -39.54 11.88
CA THR A 133 26.07 -38.54 12.44
C THR A 133 26.25 -37.30 11.55
N ALA A 134 26.26 -36.12 12.18
CA ALA A 134 26.59 -34.87 11.52
C ALA A 134 27.58 -34.07 12.36
N GLU A 135 28.34 -33.19 11.69
CA GLU A 135 29.30 -32.31 12.35
C GLU A 135 28.62 -31.11 13.05
N ARG A 136 27.69 -30.49 12.35
CA ARG A 136 26.90 -29.41 12.88
C ARG A 136 25.46 -29.82 12.78
N ILE A 137 24.66 -29.40 13.73
CA ILE A 137 23.21 -29.66 13.65
C ILE A 137 22.41 -28.39 13.88
N VAL A 138 21.34 -28.23 13.09
CA VAL A 138 20.44 -27.11 13.28
C VAL A 138 19.06 -27.60 13.68
N ILE A 139 18.55 -27.08 14.78
CA ILE A 139 17.24 -27.46 15.26
C ILE A 139 16.22 -26.36 14.90
N ALA A 140 15.62 -26.49 13.72
CA ALA A 140 14.65 -25.52 13.24
C ALA A 140 13.27 -26.15 13.26
N VAL A 141 12.86 -26.52 14.46
CA VAL A 141 11.74 -27.41 14.70
C VAL A 141 10.40 -26.68 14.85
N GLY A 142 10.45 -25.38 15.17
CA GLY A 142 9.24 -24.59 15.41
C GLY A 142 8.41 -25.09 16.59
N GLY A 143 7.27 -24.43 16.80
CA GLY A 143 6.32 -24.80 17.86
C GLY A 143 5.03 -25.38 17.31
N HIS A 144 3.97 -25.32 18.13
CA HIS A 144 2.65 -25.86 17.80
C HIS A 144 1.65 -25.15 18.66
N PRO A 145 0.36 -25.19 18.28
CA PRO A 145 -0.61 -24.46 19.11
C PRO A 145 -0.68 -25.10 20.50
N SER A 146 -0.87 -24.27 21.52
CA SER A 146 -0.95 -24.74 22.89
C SER A 146 -2.15 -25.66 23.12
N PRO A 147 -1.90 -26.87 23.64
CA PRO A 147 -3.03 -27.62 24.17
C PRO A 147 -3.26 -27.12 25.60
N HIS A 148 -4.53 -27.01 25.98
CA HIS A 148 -4.84 -26.49 27.28
C HIS A 148 -5.41 -27.57 28.14
N ASP A 149 -4.60 -28.60 28.37
CA ASP A 149 -5.07 -29.84 29.02
C ASP A 149 -5.77 -29.61 30.36
N ALA A 150 -5.55 -28.43 30.92
CA ALA A 150 -6.21 -28.04 32.17
C ALA A 150 -7.70 -27.70 31.98
N LEU A 151 -8.09 -27.21 30.80
CA LEU A 151 -9.50 -26.91 30.54
C LEU A 151 -10.33 -28.18 30.28
N PRO A 152 -11.39 -28.40 31.10
CA PRO A 152 -12.31 -29.51 30.83
C PRO A 152 -12.89 -29.40 29.43
N GLY A 153 -12.95 -30.52 28.72
CA GLY A 153 -13.55 -30.54 27.39
C GLY A 153 -12.76 -29.80 26.31
N HIS A 154 -11.46 -29.63 26.54
CA HIS A 154 -10.56 -28.99 25.55
C HIS A 154 -10.47 -29.79 24.29
N GLU A 155 -10.63 -31.10 24.41
CA GLU A 155 -10.58 -32.00 23.26
C GLU A 155 -11.75 -31.76 22.29
N LEU A 156 -12.63 -30.85 22.65
CA LEU A 156 -13.78 -30.51 21.80
C LEU A 156 -13.51 -29.23 20.98
N CYS A 157 -12.40 -28.56 21.26
CA CYS A 157 -12.08 -27.28 20.65
C CYS A 157 -11.20 -27.44 19.43
N ILE A 158 -10.98 -26.34 18.71
CA ILE A 158 -10.10 -26.38 17.55
C ILE A 158 -8.90 -25.45 17.67
N THR A 159 -7.86 -25.73 16.89
CA THR A 159 -6.73 -24.81 16.77
C THR A 159 -6.66 -24.34 15.34
N SER A 160 -5.71 -23.43 15.07
CA SER A 160 -5.45 -23.01 13.71
C SER A 160 -5.01 -24.18 12.81
N ASN A 161 -4.52 -25.26 13.41
CA ASN A 161 -4.26 -26.45 12.63
C ASN A 161 -5.54 -26.89 11.95
N GLU A 162 -6.64 -26.98 12.71
CA GLU A 162 -7.90 -27.48 12.15
C GLU A 162 -8.76 -26.41 11.54
N ALA A 163 -8.41 -25.15 11.77
CA ALA A 163 -9.28 -24.07 11.36
C ALA A 163 -9.40 -24.03 9.85
N PHE A 164 -8.24 -24.06 9.19
CA PHE A 164 -8.23 -23.99 7.73
C PHE A 164 -8.97 -25.13 7.07
N ASP A 165 -9.03 -26.27 7.76
CA ASP A 165 -9.51 -27.50 7.14
C ASP A 165 -10.76 -28.09 7.78
N LEU A 166 -11.56 -27.28 8.47
CA LEU A 166 -12.82 -27.80 9.00
C LEU A 166 -13.60 -28.48 7.88
N PRO A 167 -14.20 -29.66 8.15
CA PRO A 167 -14.97 -30.37 7.14
C PRO A 167 -16.20 -29.60 6.64
N ALA A 168 -16.69 -28.67 7.46
CA ALA A 168 -17.77 -27.77 7.06
C ALA A 168 -17.58 -26.42 7.71
N LEU A 169 -18.26 -25.43 7.18
CA LEU A 169 -18.17 -24.09 7.71
C LEU A 169 -19.14 -23.93 8.87
N PRO A 170 -18.64 -23.59 10.07
CA PRO A 170 -19.54 -23.39 11.21
C PRO A 170 -20.49 -22.24 10.94
N GLU A 171 -21.70 -22.35 11.46
CA GLU A 171 -22.67 -21.28 11.36
C GLU A 171 -22.39 -20.30 12.51
N SER A 172 -21.78 -20.80 13.58
CA SER A 172 -21.29 -19.95 14.67
C SER A 172 -19.92 -20.44 15.17
N ILE A 173 -19.05 -19.49 15.52
CA ILE A 173 -17.77 -19.77 16.17
C ILE A 173 -17.51 -18.88 17.41
N LEU A 174 -16.84 -19.44 18.40
CA LEU A 174 -16.38 -18.67 19.54
C LEU A 174 -14.88 -18.83 19.66
N ILE A 175 -14.16 -17.72 19.58
CA ILE A 175 -12.70 -17.71 19.65
C ILE A 175 -12.13 -17.06 20.90
N ALA A 176 -11.57 -17.89 21.78
CA ALA A 176 -10.77 -17.42 22.90
C ALA A 176 -9.36 -17.02 22.43
N GLY A 177 -8.86 -15.89 22.92
CA GLY A 177 -7.52 -15.42 22.56
C GLY A 177 -7.58 -13.94 22.25
N GLY A 178 -6.50 -13.22 22.51
CA GLY A 178 -6.46 -11.79 22.21
C GLY A 178 -5.39 -11.33 21.22
N GLY A 179 -4.51 -12.24 20.80
CA GLY A 179 -3.42 -11.89 19.92
C GLY A 179 -3.81 -11.84 18.47
N TYR A 180 -2.80 -11.66 17.61
CA TYR A 180 -3.05 -11.47 16.20
C TYR A 180 -3.74 -12.65 15.51
N ILE A 181 -3.51 -13.88 15.99
CA ILE A 181 -4.14 -15.07 15.41
C ILE A 181 -5.64 -15.05 15.63
N ALA A 182 -6.02 -14.77 16.87
CA ALA A 182 -7.40 -14.68 17.27
C ALA A 182 -8.11 -13.64 16.41
N VAL A 183 -7.59 -12.42 16.37
CA VAL A 183 -8.29 -11.36 15.67
C VAL A 183 -8.38 -11.57 14.15
N GLU A 184 -7.34 -12.18 13.56
CA GLU A 184 -7.37 -12.53 12.15
C GLU A 184 -8.49 -13.52 11.83
N PHE A 185 -8.48 -14.66 12.50
CA PHE A 185 -9.51 -15.65 12.28
C PHE A 185 -10.92 -15.12 12.50
N ALA A 186 -11.13 -14.41 13.60
CA ALA A 186 -12.43 -13.81 13.89
C ALA A 186 -12.87 -12.97 12.71
N ASN A 187 -11.95 -12.20 12.16
CA ASN A 187 -12.26 -11.43 10.96
C ASN A 187 -12.50 -12.30 9.73
N ILE A 188 -11.70 -13.34 9.56
CA ILE A 188 -11.88 -14.23 8.43
C ILE A 188 -13.29 -14.84 8.51
N PHE A 189 -13.59 -15.51 9.62
CA PHE A 189 -14.88 -16.15 9.77
C PHE A 189 -16.03 -15.19 9.64
N HIS A 190 -15.93 -14.01 10.27
CA HIS A 190 -17.01 -13.03 10.19
C HIS A 190 -17.28 -12.65 8.78
N GLY A 191 -16.23 -12.28 8.06
CA GLY A 191 -16.30 -11.94 6.65
C GLY A 191 -17.04 -12.99 5.85
N LEU A 192 -16.86 -14.25 6.25
CA LEU A 192 -17.51 -15.37 5.57
C LEU A 192 -18.93 -15.70 6.06
N GLY A 193 -19.46 -14.91 6.98
CA GLY A 193 -20.85 -15.03 7.44
C GLY A 193 -21.06 -15.91 8.65
N VAL A 194 -19.96 -16.36 9.28
CA VAL A 194 -20.03 -17.09 10.53
C VAL A 194 -20.40 -16.09 11.60
N LYS A 195 -21.42 -16.40 12.40
CA LYS A 195 -21.71 -15.62 13.60
C LYS A 195 -20.51 -15.74 14.53
N THR A 196 -19.74 -14.66 14.66
CA THR A 196 -18.42 -14.70 15.33
C THR A 196 -18.41 -14.06 16.72
N THR A 197 -17.87 -14.77 17.72
CA THR A 197 -17.65 -14.18 19.05
C THR A 197 -16.20 -14.38 19.50
N LEU A 198 -15.61 -13.32 20.04
CA LEU A 198 -14.22 -13.36 20.51
C LEU A 198 -14.14 -13.09 22.02
N ILE A 199 -13.41 -13.94 22.73
CA ILE A 199 -13.27 -13.78 24.18
C ILE A 199 -11.80 -13.81 24.64
N TYR A 200 -11.50 -12.96 25.62
CA TYR A 200 -10.12 -12.71 26.01
C TYR A 200 -10.04 -12.37 27.47
N ARG A 201 -9.02 -12.89 28.12
CA ARG A 201 -8.87 -12.76 29.57
C ARG A 201 -8.30 -11.41 29.98
N GLY A 202 -7.65 -10.74 29.04
CA GLY A 202 -7.04 -9.44 29.33
C GLY A 202 -8.01 -8.29 29.15
N LYS A 203 -7.52 -7.09 29.39
CA LYS A 203 -8.37 -5.89 29.39
C LYS A 203 -8.64 -5.40 27.96
N GLU A 204 -7.64 -5.47 27.08
CA GLU A 204 -7.84 -5.06 25.69
C GLU A 204 -7.12 -5.99 24.74
N ILE A 205 -7.70 -6.21 23.57
CA ILE A 205 -7.10 -7.12 22.56
C ILE A 205 -5.76 -6.60 22.04
N LEU A 206 -4.94 -7.47 21.46
CA LEU A 206 -3.62 -7.06 20.98
C LEU A 206 -2.95 -6.11 21.97
N SER A 207 -2.84 -6.55 23.21
CA SER A 207 -2.31 -5.78 24.33
C SER A 207 -0.89 -5.19 24.16
N ARG A 208 -0.12 -5.74 23.22
CA ARG A 208 1.23 -5.28 22.90
C ARG A 208 1.23 -4.11 21.93
N PHE A 209 0.08 -3.86 21.32
CA PHE A 209 -0.07 -2.85 20.28
C PHE A 209 -0.40 -1.47 20.84
N ASP A 210 -0.24 -0.45 20.00
CA ASP A 210 -0.50 0.93 20.42
C ASP A 210 -1.98 1.09 20.82
N GLN A 211 -2.28 2.07 21.69
CA GLN A 211 -3.66 2.21 22.16
C GLN A 211 -4.64 2.44 21.01
N ASP A 212 -4.31 3.35 20.11
CA ASP A 212 -5.13 3.61 18.94
C ASP A 212 -5.24 2.40 17.96
N ARG A 214 -5.30 -0.86 19.18
CA ARG A 214 -6.23 -1.66 19.99
C ARG A 214 -7.67 -1.16 19.98
N ARG A 215 -7.88 0.06 20.46
CA ARG A 215 -9.21 0.62 20.61
C ARG A 215 -9.90 0.78 19.27
N GLY A 216 -9.10 1.06 18.23
CA GLY A 216 -9.64 1.32 16.91
C GLY A 216 -10.18 0.07 16.28
N LEU A 217 -9.38 -0.99 16.37
CA LEU A 217 -9.77 -2.27 15.79
C LEU A 217 -10.98 -2.83 16.55
N HIS A 218 -10.89 -2.83 17.87
CA HIS A 218 -12.01 -3.20 18.72
C HIS A 218 -13.30 -2.51 18.26
N ALA A 219 -13.25 -1.18 18.11
CA ALA A 219 -14.41 -0.43 17.66
C ALA A 219 -14.96 -0.96 16.33
N ALA A 220 -14.10 -1.06 15.31
CA ALA A 220 -14.52 -1.46 13.97
C ALA A 220 -15.11 -2.86 13.94
N GLU A 222 -16.61 -4.61 16.57
CA GLU A 222 -17.94 -4.77 17.18
C GLU A 222 -19.00 -3.92 16.48
N GLU A 223 -18.56 -2.83 15.88
CA GLU A 223 -19.39 -2.01 14.99
C GLU A 223 -19.94 -2.86 13.85
N LYS A 224 -19.17 -3.83 13.37
CA LYS A 224 -19.59 -4.65 12.22
C LYS A 224 -20.26 -5.96 12.57
N GLY A 225 -20.52 -6.19 13.86
CA GLY A 225 -21.25 -7.38 14.28
C GLY A 225 -20.41 -8.48 14.87
N ILE A 226 -19.26 -8.11 15.44
CA ILE A 226 -18.48 -9.11 16.18
C ILE A 226 -18.62 -8.84 17.69
N ARG A 227 -19.06 -9.86 18.42
CA ARG A 227 -19.19 -9.73 19.84
C ARG A 227 -17.81 -9.93 20.45
N ILE A 228 -17.33 -8.94 21.18
CA ILE A 228 -16.07 -9.09 21.90
C ILE A 228 -16.36 -9.07 23.38
N LEU A 229 -15.73 -10.00 24.08
CA LEU A 229 -15.89 -10.15 25.51
C LEU A 229 -14.52 -10.08 26.18
N CYS A 230 -14.28 -8.96 26.84
CA CYS A 230 -13.03 -8.72 27.53
C CYS A 230 -13.04 -9.18 29.00
N GLU A 231 -11.85 -9.31 29.58
CA GLU A 231 -11.67 -9.60 31.01
C GLU A 231 -12.43 -10.84 31.41
N ASP A 232 -12.31 -11.90 30.62
CA ASP A 232 -13.10 -13.11 30.85
C ASP A 232 -12.42 -14.33 30.28
N ILE A 233 -12.85 -15.50 30.75
CA ILE A 233 -12.17 -16.77 30.54
C ILE A 233 -13.22 -17.85 30.31
N ILE A 234 -12.86 -18.93 29.60
CA ILE A 234 -13.74 -20.10 29.51
C ILE A 234 -13.51 -21.07 30.69
N GLN A 235 -14.54 -21.29 31.51
CA GLN A 235 -14.50 -22.25 32.65
C GLN A 235 -14.33 -23.68 32.15
N SER A 236 -15.17 -24.06 31.17
CA SER A 236 -15.17 -25.41 30.58
C SER A 236 -15.99 -25.45 29.28
N VAL A 237 -15.65 -26.42 28.43
CA VAL A 237 -16.41 -26.67 27.22
C VAL A 237 -17.05 -28.04 27.33
N SER A 238 -18.30 -28.12 26.87
CA SER A 238 -18.96 -29.40 26.68
C SER A 238 -19.82 -29.43 25.40
N ALA A 239 -20.11 -30.64 24.92
CA ALA A 239 -20.96 -30.88 23.75
C ALA A 239 -22.44 -31.08 24.13
N ASP A 240 -23.33 -30.48 23.35
CA ASP A 240 -24.78 -30.65 23.54
C ASP A 240 -25.32 -31.82 22.72
N ALA A 241 -26.64 -31.97 22.70
CA ALA A 241 -27.28 -33.07 21.98
C ALA A 241 -26.96 -33.02 20.48
N ASP A 242 -26.87 -31.81 19.93
CA ASP A 242 -26.77 -31.63 18.47
C ASP A 242 -25.36 -31.60 17.89
N GLY A 243 -24.35 -31.90 18.71
CA GLY A 243 -22.95 -31.83 18.29
C GLY A 243 -22.31 -30.45 18.49
N ARG A 244 -23.14 -29.45 18.72
CA ARG A 244 -22.69 -28.09 19.01
C ARG A 244 -21.97 -28.01 20.35
N ARG A 245 -21.18 -26.95 20.54
CA ARG A 245 -20.37 -26.78 21.74
C ARG A 245 -20.92 -25.72 22.68
N VAL A 246 -21.08 -26.12 23.93
CA VAL A 246 -21.50 -25.20 24.97
C VAL A 246 -20.27 -24.84 25.78
N ALA A 247 -19.99 -23.55 25.87
CA ALA A 247 -18.85 -23.04 26.60
C ALA A 247 -19.31 -22.24 27.81
N THR A 248 -18.69 -22.54 28.96
CA THR A 248 -19.04 -21.87 30.22
C THR A 248 -18.07 -20.74 30.55
N THR A 249 -18.66 -19.62 30.98
CA THR A 249 -17.92 -18.40 31.16
C THR A 249 -18.10 -17.95 32.59
N LYS A 251 -18.24 -14.77 33.42
CA LYS A 251 -19.00 -13.53 33.39
C LYS A 251 -20.20 -13.49 32.44
N HIS A 252 -20.12 -14.15 31.29
CA HIS A 252 -21.20 -14.05 30.30
C HIS A 252 -21.98 -15.32 30.13
N GLY A 253 -22.16 -16.06 31.23
CA GLY A 253 -22.95 -17.32 31.23
C GLY A 253 -22.42 -18.37 30.26
N GLU A 254 -23.32 -19.15 29.66
CA GLU A 254 -22.92 -20.18 28.70
C GLU A 254 -23.26 -19.87 27.25
N ILE A 255 -22.25 -19.97 26.38
CA ILE A 255 -22.40 -19.60 24.97
C ILE A 255 -22.33 -20.85 24.12
N VAL A 256 -23.32 -21.02 23.24
CA VAL A 256 -23.32 -22.17 22.36
C VAL A 256 -22.82 -21.76 20.99
N ALA A 257 -21.91 -22.55 20.43
CA ALA A 257 -21.43 -22.30 19.05
C ALA A 257 -21.09 -23.60 18.35
N ASP A 258 -21.07 -23.56 17.02
CA ASP A 258 -20.67 -24.72 16.23
C ASP A 258 -19.22 -25.17 16.51
N GLN A 259 -18.30 -24.21 16.60
CA GLN A 259 -16.91 -24.52 16.93
C GLN A 259 -16.40 -23.56 18.00
N VAL A 260 -15.46 -24.06 18.82
CA VAL A 260 -14.76 -23.24 19.81
C VAL A 260 -13.27 -23.30 19.55
N LEU A 262 -9.47 -22.31 20.25
CA LEU A 262 -8.45 -21.79 21.17
C LEU A 262 -7.28 -21.21 20.40
N ALA A 263 -7.13 -19.88 20.50
CA ALA A 263 -6.06 -19.17 19.84
C ALA A 263 -5.25 -18.40 20.86
N LEU A 264 -4.84 -19.07 21.93
CA LEU A 264 -4.06 -18.42 22.99
C LEU A 264 -2.66 -19.01 23.12
N GLY A 265 -1.75 -18.57 22.26
CA GLY A 265 -0.36 -18.98 22.34
C GLY A 265 0.02 -20.24 21.59
N ARG A 266 1.31 -20.32 21.25
CA ARG A 266 1.93 -21.50 20.66
C ARG A 266 3.02 -22.01 21.60
N PRO A 268 6.72 -24.66 22.03
CA PRO A 268 7.76 -25.23 21.18
C PRO A 268 7.79 -26.74 21.21
N ASN A 269 8.05 -27.35 20.05
CA ASN A 269 8.11 -28.81 19.91
C ASN A 269 9.38 -29.38 20.50
N THR A 270 9.50 -29.34 21.82
CA THR A 270 10.75 -29.76 22.44
C THR A 270 10.65 -31.03 23.29
N ASN A 271 9.42 -31.47 23.56
CA ASN A 271 9.17 -32.72 24.26
C ASN A 271 9.59 -33.95 23.49
N GLY A 272 10.31 -34.84 24.17
CA GLY A 272 10.81 -36.07 23.56
C GLY A 272 11.47 -35.83 22.22
N LEU A 273 12.31 -34.80 22.16
CA LEU A 273 13.13 -34.50 21.00
C LEU A 273 14.57 -34.96 21.23
N GLY A 274 14.82 -35.47 22.43
CA GLY A 274 16.13 -36.01 22.79
C GLY A 274 17.11 -34.92 23.22
N LEU A 275 16.58 -33.75 23.56
CA LEU A 275 17.39 -32.60 23.99
C LEU A 275 18.19 -32.89 25.23
N GLU A 276 17.51 -33.46 26.23
CA GLU A 276 18.06 -33.79 27.53
C GLU A 276 19.29 -34.71 27.41
N ALA A 277 19.16 -35.75 26.61
CA ALA A 277 20.27 -36.64 26.26
C ALA A 277 21.44 -35.86 25.66
N ALA A 278 21.15 -34.77 24.96
CA ALA A 278 22.18 -33.95 24.29
C ALA A 278 22.61 -32.71 25.10
N GLY A 279 22.17 -32.61 26.36
CA GLY A 279 22.53 -31.49 27.23
C GLY A 279 22.05 -30.11 26.82
N VAL A 280 21.13 -30.05 25.84
CA VAL A 280 20.60 -28.78 25.31
C VAL A 280 19.62 -28.13 26.29
N ARG A 281 20.13 -27.13 27.01
CA ARG A 281 19.37 -26.35 27.98
C ARG A 281 18.07 -25.77 27.43
N THR A 282 17.04 -25.78 28.27
CA THR A 282 15.71 -25.33 27.90
C THR A 282 15.11 -24.51 29.02
N ASN A 283 14.43 -23.42 28.68
CA ASN A 283 13.78 -22.60 29.69
C ASN A 283 12.45 -23.18 30.17
N GLU A 284 11.82 -22.50 31.11
CA GLU A 284 10.63 -23.04 31.76
C GLU A 284 9.41 -23.08 30.86
N LEU A 285 9.38 -22.20 29.86
CA LEU A 285 8.38 -22.26 28.80
C LEU A 285 8.69 -23.32 27.71
N GLY A 286 9.76 -24.09 27.89
CA GLY A 286 10.09 -25.18 26.98
C GLY A 286 10.85 -24.79 25.71
N ALA A 287 11.20 -23.51 25.58
CA ALA A 287 11.98 -23.05 24.42
C ALA A 287 13.47 -23.31 24.62
N ILE A 288 14.17 -23.56 23.51
CA ILE A 288 15.62 -23.71 23.52
C ILE A 288 16.28 -22.35 23.76
N ILE A 289 17.23 -22.32 24.68
CA ILE A 289 17.99 -21.12 24.98
C ILE A 289 19.19 -20.98 24.03
N VAL A 290 19.26 -19.84 23.35
CA VAL A 290 20.39 -19.53 22.47
C VAL A 290 20.99 -18.16 22.76
N ASP A 291 22.25 -18.00 22.38
CA ASP A 291 22.86 -16.68 22.32
C ASP A 291 22.44 -16.01 21.00
N ALA A 292 23.03 -14.87 20.70
CA ALA A 292 22.65 -14.08 19.53
C ALA A 292 23.12 -14.65 18.18
N PHE A 293 23.82 -15.79 18.21
CA PHE A 293 24.30 -16.46 17.00
C PHE A 293 23.72 -17.86 16.89
N SER A 294 22.58 -18.06 17.56
CA SER A 294 21.79 -19.30 17.49
C SER A 294 22.47 -20.54 18.09
N ARG A 295 23.51 -20.34 18.88
CA ARG A 295 24.19 -21.44 19.55
C ARG A 295 23.40 -21.91 20.75
N THR A 296 23.09 -23.20 20.74
CA THR A 296 22.51 -23.87 21.91
C THR A 296 23.61 -23.99 22.94
N SER A 297 23.29 -24.61 24.06
CA SER A 297 24.26 -24.82 25.11
C SER A 297 25.18 -26.01 24.80
N THR A 298 24.90 -26.72 23.70
CA THR A 298 25.82 -27.75 23.21
C THR A 298 26.54 -27.26 21.95
N PRO A 299 27.89 -27.33 21.97
CA PRO A 299 28.81 -26.88 20.93
C PRO A 299 28.39 -27.11 19.49
N GLY A 300 28.23 -28.37 19.09
CA GLY A 300 27.94 -28.64 17.67
C GLY A 300 26.56 -28.26 17.17
N ILE A 301 25.72 -27.72 18.05
CA ILE A 301 24.29 -27.60 17.79
C ILE A 301 23.78 -26.17 17.83
N TYR A 302 23.01 -25.81 16.82
CA TYR A 302 22.30 -24.53 16.77
C TYR A 302 20.79 -24.68 16.78
N ALA A 303 20.12 -23.63 17.25
CA ALA A 303 18.67 -23.54 17.25
C ALA A 303 18.21 -22.19 16.70
N LEU A 304 17.16 -22.21 15.88
CA LEU A 304 16.62 -21.01 15.26
C LEU A 304 15.16 -21.22 14.86
N GLY A 305 14.42 -20.11 14.71
CA GLY A 305 13.00 -20.20 14.40
C GLY A 305 12.15 -20.07 15.65
N ASP A 306 10.88 -20.45 15.54
CA ASP A 306 9.90 -20.28 16.60
C ASP A 306 10.21 -21.11 17.84
N VAL A 307 11.07 -22.11 17.68
CA VAL A 307 11.52 -22.94 18.79
C VAL A 307 12.34 -22.15 19.83
N THR A 308 12.82 -20.96 19.46
CA THR A 308 13.83 -20.24 20.24
C THR A 308 13.34 -19.13 21.14
N ASP A 309 12.03 -19.05 21.39
CA ASP A 309 11.62 -18.12 22.44
C ASP A 309 11.37 -16.71 21.86
N ARG A 310 12.00 -16.44 20.71
CA ARG A 310 12.25 -15.06 20.24
C ARG A 310 11.01 -14.38 19.66
N VAL A 311 11.20 -13.53 18.65
CA VAL A 311 10.06 -13.01 17.91
C VAL A 311 9.63 -14.11 16.95
N GLN A 312 8.36 -14.49 17.03
CA GLN A 312 7.85 -15.64 16.27
C GLN A 312 7.24 -15.24 14.95
N LEU A 313 8.12 -14.90 14.02
CA LEU A 313 7.71 -14.53 12.68
C LEU A 313 8.62 -15.20 11.64
N THR A 314 8.05 -15.43 10.45
CA THR A 314 8.74 -16.13 9.36
C THR A 314 10.05 -15.48 8.92
N PRO A 315 10.05 -14.15 8.64
CA PRO A 315 11.30 -13.49 8.24
C PRO A 315 12.40 -13.58 9.31
N VAL A 316 12.01 -13.56 10.59
CA VAL A 316 12.94 -13.67 11.69
C VAL A 316 13.65 -15.01 11.59
N ALA A 317 12.87 -16.07 11.40
CA ALA A 317 13.44 -17.40 11.15
C ALA A 317 14.40 -17.37 9.99
N ILE A 318 13.99 -16.75 8.89
CA ILE A 318 14.80 -16.72 7.67
C ILE A 318 16.10 -15.97 7.90
N HIS A 319 16.02 -14.85 8.60
CA HIS A 319 17.17 -14.01 8.83
C HIS A 319 18.15 -14.70 9.74
N GLU A 320 17.63 -15.28 10.83
CA GLU A 320 18.41 -16.11 11.74
C GLU A 320 19.22 -17.19 11.01
N ALA A 321 18.62 -17.78 9.98
CA ALA A 321 19.22 -18.86 9.23
C ALA A 321 20.35 -18.42 8.31
N CYS A 323 22.07 -15.54 8.95
CA CYS A 323 23.09 -15.24 9.95
C CYS A 323 23.83 -16.48 10.43
N PHE A 324 23.12 -17.59 10.52
CA PHE A 324 23.78 -18.86 10.83
C PHE A 324 24.77 -19.28 9.73
N ILE A 325 24.32 -19.38 8.48
CA ILE A 325 25.21 -19.76 7.38
C ILE A 325 26.47 -18.89 7.40
N GLU A 326 26.27 -17.59 7.56
CA GLU A 326 27.35 -16.62 7.65
C GLU A 326 28.27 -16.98 8.82
N THR A 327 27.74 -16.91 10.05
CA THR A 327 28.51 -17.23 11.26
C THR A 327 29.31 -18.53 11.11
N GLU A 328 28.62 -19.65 10.94
CA GLU A 328 29.25 -20.97 10.93
C GLU A 328 30.09 -21.26 9.68
N TYR A 329 29.79 -20.60 8.57
CA TYR A 329 30.47 -20.99 7.33
C TYR A 329 31.32 -19.92 6.65
N LYS A 330 30.89 -18.67 6.66
CA LYS A 330 31.65 -17.59 6.00
C LYS A 330 32.58 -16.84 6.97
N ASN A 331 32.85 -17.45 8.11
CA ASN A 331 33.69 -16.88 9.17
C ASN A 331 33.41 -15.40 9.43
N ASN A 332 32.15 -15.03 9.25
CA ASN A 332 31.66 -13.68 9.34
C ASN A 332 30.65 -13.65 10.51
N PRO A 333 31.10 -13.43 11.73
CA PRO A 333 30.16 -13.56 12.83
C PRO A 333 29.32 -12.32 12.96
N THR A 334 28.02 -12.50 12.78
CA THR A 334 27.10 -11.40 12.84
C THR A 334 25.84 -11.93 13.51
N SER A 335 25.08 -11.02 14.14
CA SER A 335 23.92 -11.46 14.88
C SER A 335 22.64 -10.94 14.28
N PRO A 336 21.68 -11.86 14.21
CA PRO A 336 20.34 -11.51 13.74
C PRO A 336 19.66 -10.53 14.66
N ASP A 337 19.92 -10.65 15.95
CA ASP A 337 19.05 -9.99 16.90
C ASP A 337 19.00 -8.54 16.47
N HIS A 338 17.79 -8.00 16.49
CA HIS A 338 17.45 -6.81 15.76
C HIS A 338 16.35 -6.05 16.43
N ASP A 339 16.31 -4.74 16.25
CA ASP A 339 15.29 -3.94 16.87
C ASP A 339 14.60 -3.14 15.78
N LEU A 340 13.36 -2.74 16.00
CA LEU A 340 12.65 -2.11 14.88
C LEU A 340 12.30 -3.07 13.73
N ILE A 341 11.60 -4.14 14.06
CA ILE A 341 11.01 -5.02 13.06
C ILE A 341 9.58 -4.50 12.88
N ALA A 342 9.21 -4.14 11.65
CA ALA A 342 7.84 -3.77 11.30
C ALA A 342 6.99 -5.04 11.26
N THR A 343 5.71 -4.93 11.60
CA THR A 343 4.81 -6.07 11.57
C THR A 343 3.44 -5.66 11.05
N ALA A 344 2.69 -6.64 10.55
CA ALA A 344 1.30 -6.44 10.16
C ALA A 344 0.37 -7.37 10.95
N VAL A 345 -0.90 -7.00 11.03
CA VAL A 345 -1.94 -7.90 11.51
C VAL A 345 -2.99 -7.85 10.44
N PHE A 346 -3.30 -9.00 9.87
CA PHE A 346 -4.23 -9.00 8.77
C PHE A 346 -5.64 -9.18 9.23
N SER A 347 -6.01 -8.32 10.18
CA SER A 347 -7.39 -8.16 10.56
C SER A 347 -8.00 -7.23 9.55
N GLN A 348 -9.20 -6.77 9.83
CA GLN A 348 -9.91 -5.99 8.86
C GLN A 348 -10.73 -5.06 9.71
N PRO A 349 -10.34 -3.76 9.76
CA PRO A 349 -9.22 -3.14 9.02
C PRO A 349 -7.83 -3.67 9.41
N GLU A 350 -6.88 -3.63 8.47
CA GLU A 350 -5.51 -4.05 8.74
C GLU A 350 -4.83 -3.17 9.75
N ILE A 351 -3.87 -3.76 10.46
CA ILE A 351 -2.89 -2.98 11.20
C ILE A 351 -1.53 -3.13 10.51
N GLY A 352 -0.75 -2.06 10.54
CA GLY A 352 0.63 -2.07 10.12
C GLY A 352 1.40 -1.24 11.14
N THR A 353 2.53 -1.75 11.61
CA THR A 353 3.20 -1.10 12.72
C THR A 353 4.71 -1.30 12.72
N VAL A 354 5.42 -0.21 13.00
CA VAL A 354 6.88 -0.17 13.15
C VAL A 354 7.17 0.66 14.38
N GLY A 355 8.24 0.30 15.07
CA GLY A 355 8.69 1.09 16.20
C GLY A 355 7.85 0.85 17.42
N ILE A 356 7.86 1.81 18.34
CA ILE A 356 7.31 1.66 19.68
C ILE A 356 5.98 2.41 19.92
N THR A 357 5.19 1.95 20.88
CA THR A 357 3.88 2.56 21.15
C THR A 357 3.97 3.93 21.86
N GLU A 358 2.90 4.70 21.78
CA GLU A 358 2.82 5.97 22.51
C GLU A 358 3.10 5.79 24.00
N GLU A 359 2.57 4.73 24.59
CA GLU A 359 2.86 4.43 25.98
C GLU A 359 4.36 4.17 26.25
N GLU A 360 5.04 3.49 25.34
CA GLU A 360 6.45 3.18 25.54
C GLU A 360 7.28 4.43 25.42
N ALA A 361 6.98 5.23 24.40
CA ALA A 361 7.78 6.41 24.11
C ALA A 361 7.63 7.44 25.21
N ALA A 362 6.42 7.53 25.75
CA ALA A 362 6.11 8.44 26.85
C ALA A 362 7.01 8.15 28.05
N ARG A 363 7.24 6.86 28.32
CA ARG A 363 8.13 6.43 29.39
C ARG A 363 9.60 6.60 29.04
N LYS A 364 9.99 6.22 27.83
CA LYS A 364 11.40 6.19 27.43
C LYS A 364 12.03 7.57 27.21
N PHE A 365 11.23 8.51 26.72
CA PHE A 365 11.69 9.87 26.42
C PHE A 365 10.92 10.91 27.24
N GLN A 366 11.57 12.02 27.59
CA GLN A 366 10.98 13.03 28.46
C GLN A 366 9.87 13.81 27.76
N GLU A 367 10.03 13.97 26.45
CA GLU A 367 9.19 14.82 25.64
C GLU A 367 8.94 14.16 24.32
N ILE A 368 7.69 13.91 23.99
CA ILE A 368 7.39 13.33 22.68
C ILE A 368 6.36 14.17 21.95
N GLU A 369 6.37 14.07 20.63
CA GLU A 369 5.32 14.70 19.84
C GLU A 369 4.57 13.60 19.09
N VAL A 370 3.25 13.71 19.09
CA VAL A 370 2.38 12.70 18.47
C VAL A 370 1.56 13.34 17.33
N TYR A 371 1.54 12.64 16.20
CA TYR A 371 0.92 13.13 14.99
C TYR A 371 -0.16 12.13 14.58
N ARG A 372 -1.41 12.48 14.85
CA ARG A 372 -2.53 11.54 14.74
C ARG A 372 -3.51 11.98 13.68
N ALA A 373 -3.84 11.06 12.78
CA ALA A 373 -4.71 11.36 11.66
C ALA A 373 -5.88 10.40 11.67
N GLU A 374 -7.09 10.94 11.63
CA GLU A 374 -8.27 10.09 11.60
C GLU A 374 -9.21 10.52 10.51
N PHE A 375 -9.55 9.59 9.61
CA PHE A 375 -10.30 9.97 8.43
C PHE A 375 -11.04 8.85 7.69
N ARG A 376 -12.06 9.27 6.95
CA ARG A 376 -12.93 8.42 6.14
C ARG A 376 -12.19 8.17 4.85
N PRO A 377 -11.81 6.89 4.57
CA PRO A 377 -11.11 6.57 3.33
C PRO A 377 -11.89 7.09 2.13
N LYS A 379 -12.80 5.91 -0.70
CA LYS A 379 -13.79 4.99 -1.23
C LYS A 379 -15.07 5.08 -0.40
N ALA A 380 -14.89 5.19 0.91
CA ALA A 380 -16.02 5.23 1.87
C ALA A 380 -16.87 6.45 1.67
N THR A 381 -16.27 7.47 1.07
CA THR A 381 -17.02 8.62 0.64
C THR A 381 -18.23 8.21 -0.21
N LEU A 382 -18.11 7.15 -0.99
CA LEU A 382 -19.20 6.68 -1.84
C LEU A 382 -19.89 5.38 -1.42
N SER A 383 -19.11 4.40 -0.95
CA SER A 383 -19.69 3.13 -0.47
C SER A 383 -20.57 3.35 0.75
N GLY A 384 -20.27 4.40 1.50
CA GLY A 384 -21.02 4.74 2.70
C GLY A 384 -20.60 3.84 3.84
N ARG A 385 -19.41 3.26 3.72
CA ARG A 385 -19.03 2.10 4.52
C ARG A 385 -19.03 2.26 6.03
N LYS A 386 -18.78 3.47 6.53
CA LYS A 386 -18.61 3.69 7.97
C LYS A 386 -17.30 3.07 8.46
N GLU A 387 -16.22 3.60 7.93
CA GLU A 387 -14.87 3.13 8.24
C GLU A 387 -14.05 4.35 8.61
N LYS A 388 -13.02 4.15 9.43
CA LYS A 388 -12.09 5.23 9.75
C LYS A 388 -10.64 4.78 9.63
N THR A 389 -9.82 5.57 8.97
CA THR A 389 -8.41 5.27 8.96
C THR A 389 -7.73 6.05 10.08
N ILE A 390 -7.00 5.32 10.94
CA ILE A 390 -6.14 5.96 11.92
C ILE A 390 -4.70 5.81 11.47
N LYS A 392 -0.91 7.12 12.78
CA LYS A 392 -0.32 7.77 13.95
C LYS A 392 1.19 7.68 13.97
N LEU A 393 1.83 8.84 14.04
CA LEU A 393 3.28 8.95 14.12
C LEU A 393 3.73 9.38 15.49
N VAL A 394 4.76 8.71 16.02
CA VAL A 394 5.31 9.05 17.35
C VAL A 394 6.76 9.54 17.22
N VAL A 395 7.06 10.70 17.80
CA VAL A 395 8.31 11.43 17.54
C VAL A 395 9.04 11.90 18.80
N ASN A 396 10.36 11.74 18.83
CA ASN A 396 11.17 12.24 19.93
C ASN A 396 11.45 13.74 19.78
N ALA A 397 10.93 14.53 20.73
CA ALA A 397 11.05 15.99 20.68
C ALA A 397 12.49 16.48 20.62
N ALA A 398 13.39 15.74 21.25
CA ALA A 398 14.81 16.07 21.29
C ALA A 398 15.55 15.83 19.96
N ASP A 399 15.15 14.80 19.23
CA ASP A 399 15.76 14.38 17.97
C ASP A 399 15.05 14.86 16.77
N ARG A 400 13.75 14.83 16.87
CA ARG A 400 12.81 14.82 15.76
C ARG A 400 12.67 13.42 15.13
N LYS A 401 13.29 12.42 15.74
CA LYS A 401 13.19 11.04 15.26
C LYS A 401 11.76 10.52 15.29
N VAL A 402 11.29 9.94 14.19
CA VAL A 402 10.12 9.09 14.27
C VAL A 402 10.49 7.76 14.96
N VAL A 403 9.87 7.46 16.07
CA VAL A 403 10.25 6.30 16.87
C VAL A 403 9.14 5.24 16.79
N GLY A 404 8.02 5.61 16.19
CA GLY A 404 6.89 4.74 16.05
C GLY A 404 5.94 5.29 15.01
N ALA A 405 5.47 4.39 14.15
CA ALA A 405 4.42 4.65 13.16
C ALA A 405 3.42 3.49 13.23
N HIS A 406 2.13 3.83 13.26
CA HIS A 406 1.02 2.90 13.44
C HIS A 406 -0.12 3.27 12.54
N ILE A 407 -0.59 2.29 11.77
CA ILE A 407 -1.62 2.46 10.76
C ILE A 407 -2.73 1.47 10.97
N LEU A 408 -3.96 1.96 11.05
CA LEU A 408 -5.13 1.10 11.03
C LEU A 408 -5.91 1.43 9.77
N GLY A 409 -6.06 0.47 8.87
CA GLY A 409 -6.72 0.74 7.62
C GLY A 409 -6.11 -0.01 6.45
N HIS A 410 -6.64 0.27 5.27
CA HIS A 410 -6.30 -0.47 4.07
C HIS A 410 -4.85 -0.39 3.73
N ASP A 411 -4.22 -1.56 3.66
CA ASP A 411 -2.82 -1.70 3.19
C ASP A 411 -1.80 -1.32 4.26
N ALA A 412 -2.25 -1.26 5.51
CA ALA A 412 -1.37 -0.96 6.63
C ALA A 412 -0.11 -1.84 6.65
N GLY A 413 -0.24 -3.07 6.16
CA GLY A 413 0.90 -3.97 6.06
C GLY A 413 1.94 -3.58 5.05
N GLU A 414 1.51 -3.20 3.86
CA GLU A 414 2.43 -2.73 2.86
C GLU A 414 3.10 -1.46 3.30
N ALA A 416 3.61 -0.53 6.43
CA ALA A 416 4.50 -0.76 7.52
C ALA A 416 5.83 -1.14 7.00
N GLN A 417 5.87 -1.98 5.99
CA GLN A 417 7.12 -2.44 5.51
C GLN A 417 7.93 -1.31 4.99
N LEU A 418 7.32 -0.45 4.21
CA LEU A 418 8.02 0.72 3.69
C LEU A 418 8.42 1.70 4.79
N LEU A 419 7.48 2.07 5.65
CA LEU A 419 7.83 2.87 6.81
C LEU A 419 9.03 2.25 7.57
N GLY A 420 9.09 0.93 7.65
CA GLY A 420 10.21 0.25 8.30
C GLY A 420 11.59 0.58 7.75
N ILE A 421 11.67 0.86 6.46
CA ILE A 421 12.92 1.28 5.89
C ILE A 421 13.29 2.64 6.47
N SER A 422 12.32 3.56 6.44
CA SER A 422 12.53 4.91 6.95
C SER A 422 12.96 4.91 8.41
N LEU A 423 12.39 4.03 9.23
CA LEU A 423 12.74 4.02 10.64
C LEU A 423 14.09 3.32 10.94
N ARG A 424 14.36 2.21 10.25
CA ARG A 424 15.66 1.58 10.34
C ARG A 424 16.78 2.62 10.10
N ALA A 425 16.63 3.46 9.07
CA ALA A 425 17.64 4.47 8.73
C ALA A 425 17.54 5.76 9.56
N GLY A 426 16.76 5.73 10.64
CA GLY A 426 16.61 6.87 11.54
C GLY A 426 16.02 8.16 10.96
N CYS A 427 14.95 8.06 10.17
CA CYS A 427 14.34 9.27 9.61
C CYS A 427 13.67 10.19 10.64
N THR A 428 13.75 11.49 10.38
CA THR A 428 13.18 12.48 11.28
C THR A 428 11.83 12.95 10.77
N LYS A 429 11.01 13.50 11.65
CA LYS A 429 9.68 14.04 11.30
C LYS A 429 9.84 15.10 10.22
N ASP A 430 11.02 15.67 10.16
CA ASP A 430 11.35 16.66 9.15
C ASP A 430 11.53 16.02 7.77
N ASP A 431 12.29 14.92 7.66
CA ASP A 431 12.35 14.16 6.39
C ASP A 431 10.96 13.92 5.83
N PHE A 432 10.04 13.57 6.72
CA PHE A 432 8.64 13.33 6.33
C PHE A 432 7.99 14.59 5.76
N ASP A 433 8.16 15.73 6.43
CA ASP A 433 7.50 16.96 6.02
C ASP A 433 8.03 17.53 4.71
N ARG A 434 9.31 17.32 4.44
CA ARG A 434 9.97 17.74 3.18
C ARG A 434 9.54 16.87 2.00
N THR A 435 8.89 15.75 2.29
CA THR A 435 8.48 14.77 1.27
C THR A 435 7.17 15.21 0.65
N ALA A 437 3.72 15.44 -1.18
CA ALA A 437 2.58 14.54 -1.10
C ALA A 437 2.27 13.87 -2.43
N VAL A 438 1.77 12.64 -2.34
CA VAL A 438 1.18 11.98 -3.52
C VAL A 438 -0.34 11.93 -3.34
N HIS A 439 -1.05 12.42 -4.35
CA HIS A 439 -2.49 12.60 -4.27
C HIS A 439 -3.22 12.03 -5.46
N PRO A 440 -4.39 11.37 -5.22
CA PRO A 440 -4.92 11.10 -3.90
C PRO A 440 -4.51 9.73 -3.34
N THR A 441 -3.89 9.73 -2.16
CA THR A 441 -3.59 8.51 -1.40
C THR A 441 -4.03 8.65 0.05
N ALA A 442 -3.92 7.54 0.78
CA ALA A 442 -4.07 7.50 2.24
C ALA A 442 -2.79 8.05 2.86
N ALA A 443 -1.66 7.52 2.37
CA ALA A 443 -0.31 7.81 2.85
C ALA A 443 0.09 9.29 2.92
N GLU A 444 -0.55 10.15 2.15
CA GLU A 444 -0.18 11.57 2.21
C GLU A 444 -0.52 12.25 3.55
N GLU A 445 -1.40 11.62 4.33
CA GLU A 445 -1.71 12.15 5.66
C GLU A 445 -0.50 12.07 6.62
N LEU A 446 0.44 11.17 6.34
CA LEU A 446 1.65 11.06 7.14
C LEU A 446 2.66 12.19 6.83
N VAL A 447 2.55 12.80 5.66
CA VAL A 447 3.53 13.82 5.26
C VAL A 447 3.06 15.27 5.34
N THR A 448 1.83 15.50 5.79
CA THR A 448 1.37 16.89 5.89
C THR A 448 0.93 17.35 7.29
N TYR A 450 1.94 18.99 9.90
CA TYR A 450 3.05 19.87 10.23
C TYR A 450 3.04 20.27 11.69
N GLN A 451 1.84 20.24 12.28
CA GLN A 451 1.64 20.55 13.69
C GLN A 451 1.32 19.26 14.42
N PRO A 452 1.87 19.08 15.63
CA PRO A 452 1.55 17.90 16.39
C PRO A 452 0.12 18.00 16.87
N SER A 453 -0.48 16.84 17.10
CA SER A 453 -1.86 16.76 17.48
C SER A 453 -1.92 16.93 18.98
N TYR A 454 -0.81 16.58 19.65
CA TYR A 454 -0.60 16.78 21.09
C TYR A 454 0.82 16.41 21.49
N ARG A 455 1.20 16.81 22.69
CA ARG A 455 2.53 16.55 23.24
C ARG A 455 2.42 15.79 24.55
N VAL A 456 3.45 15.01 24.86
CA VAL A 456 3.55 14.34 26.16
C VAL A 456 4.91 14.69 26.77
N ARG A 457 4.87 15.21 28.00
CA ARG A 457 6.07 15.63 28.71
C ARG A 457 6.07 14.94 30.05
N ASN A 458 7.21 14.32 30.38
CA ASN A 458 7.39 13.59 31.64
C ASN A 458 6.34 12.51 31.84
N GLY A 459 5.90 11.92 30.74
CA GLY A 459 4.94 10.82 30.75
C GLY A 459 3.48 11.24 30.81
N GLU A 460 3.23 12.55 30.86
CA GLU A 460 1.86 13.05 30.89
C GLU A 460 1.53 14.04 29.79
N ARG A 461 0.36 13.88 29.21
CA ARG A 461 -0.07 14.65 28.04
C ARG A 461 -0.34 16.10 28.42
N VAL A 462 0.01 17.05 27.54
CA VAL A 462 -0.37 18.47 27.72
C VAL A 462 -1.80 18.75 27.24
N GLY A 463 -2.65 19.23 28.15
CA GLY A 463 -4.08 19.44 27.88
C GLY A 463 -4.42 20.76 27.20
N ALA B 3 -3.94 53.35 0.63
CA ALA B 3 -4.33 51.92 0.84
C ALA B 3 -5.26 51.43 -0.28
N PHE B 4 -5.18 50.13 -0.57
CA PHE B 4 -5.93 49.48 -1.67
C PHE B 4 -7.27 48.92 -1.20
N ASP B 5 -7.99 48.22 -2.09
CA ASP B 5 -9.27 47.59 -1.73
C ASP B 5 -9.08 46.31 -0.93
N TYR B 6 -8.07 45.54 -1.31
CA TYR B 6 -7.72 44.29 -0.63
C TYR B 6 -6.21 44.18 -0.51
N ASP B 7 -5.76 43.48 0.53
CA ASP B 7 -4.35 43.13 0.65
C ASP B 7 -4.04 42.11 -0.44
N LEU B 8 -4.94 41.12 -0.58
CA LEU B 8 -4.77 40.04 -1.53
C LEU B 8 -6.00 39.81 -2.40
N PHE B 9 -5.75 39.68 -3.70
CA PHE B 9 -6.77 39.18 -4.61
C PHE B 9 -6.30 37.92 -5.33
N VAL B 10 -7.08 36.86 -5.19
CA VAL B 10 -6.73 35.57 -5.76
C VAL B 10 -7.59 35.28 -6.99
N ILE B 11 -6.94 34.94 -8.10
CA ILE B 11 -7.65 34.57 -9.31
C ILE B 11 -7.54 33.08 -9.51
N GLY B 12 -8.68 32.40 -9.52
CA GLY B 12 -8.74 30.94 -9.61
C GLY B 12 -9.03 30.38 -8.23
N GLY B 13 -10.16 29.69 -8.10
CA GLY B 13 -10.54 29.09 -6.84
C GLY B 13 -10.22 27.62 -6.79
N GLY B 14 -9.06 27.25 -7.34
CA GLY B 14 -8.63 25.86 -7.36
C GLY B 14 -7.71 25.57 -6.20
N SER B 15 -7.01 24.44 -6.28
CA SER B 15 -6.15 23.95 -5.20
C SER B 15 -5.22 25.02 -4.61
N GLY B 16 -4.47 25.71 -5.46
CA GLY B 16 -3.51 26.72 -5.02
C GLY B 16 -4.13 28.01 -4.50
N GLY B 17 -5.19 28.46 -5.17
CA GLY B 17 -5.87 29.70 -4.80
C GLY B 17 -6.61 29.66 -3.47
N VAL B 18 -7.32 28.56 -3.23
CA VAL B 18 -8.14 28.40 -2.02
C VAL B 18 -7.25 28.39 -0.77
N ARG B 19 -6.17 27.60 -0.83
CA ARG B 19 -5.20 27.53 0.25
C ARG B 19 -4.56 28.89 0.45
N SER B 20 -4.26 29.59 -0.65
CA SER B 20 -3.74 30.95 -0.59
C SER B 20 -4.71 31.88 0.10
N GLY B 21 -5.89 32.06 -0.48
CA GLY B 21 -6.91 32.94 0.07
C GLY B 21 -7.35 32.61 1.49
N ARG B 22 -7.46 31.32 1.80
CA ARG B 22 -7.95 30.89 3.12
C ARG B 22 -6.96 31.18 4.25
N LEU B 23 -5.69 30.78 4.10
CA LEU B 23 -4.67 31.01 5.13
C LEU B 23 -4.44 32.50 5.38
N ALA B 24 -4.56 33.30 4.32
CA ALA B 24 -4.32 34.73 4.40
C ALA B 24 -5.44 35.42 5.17
N ALA B 25 -6.66 34.97 4.90
CA ALA B 25 -7.81 35.47 5.64
C ALA B 25 -7.65 35.04 7.10
N ALA B 26 -7.32 33.77 7.32
CA ALA B 26 -7.10 33.23 8.67
C ALA B 26 -6.14 34.08 9.51
N LEU B 27 -5.30 34.87 8.83
CA LEU B 27 -4.38 35.81 9.49
C LEU B 27 -4.96 37.22 9.69
N GLY B 28 -6.20 37.46 9.28
CA GLY B 28 -6.84 38.76 9.46
C GLY B 28 -6.60 39.73 8.31
N LYS B 29 -6.22 39.19 7.15
CA LYS B 29 -6.07 40.02 5.96
C LYS B 29 -7.36 40.05 5.16
N LYS B 30 -7.71 41.23 4.65
CA LYS B 30 -8.86 41.39 3.77
C LYS B 30 -8.51 40.85 2.39
N VAL B 31 -9.15 39.73 2.06
CA VAL B 31 -8.84 38.95 0.87
C VAL B 31 -10.09 38.87 -0.01
N ALA B 32 -9.88 38.79 -1.32
CA ALA B 32 -10.95 38.45 -2.24
C ALA B 32 -10.47 37.42 -3.25
N ILE B 33 -11.32 36.45 -3.53
CA ILE B 33 -11.01 35.39 -4.48
C ILE B 33 -12.12 35.28 -5.53
N ALA B 34 -11.71 35.15 -6.79
CA ALA B 34 -12.66 34.95 -7.89
C ALA B 34 -12.49 33.56 -8.49
N GLU B 35 -13.57 33.01 -9.02
CA GLU B 35 -13.57 31.70 -9.64
C GLU B 35 -14.71 31.66 -10.66
N GLU B 36 -14.35 31.34 -11.90
CA GLU B 36 -15.29 31.44 -13.03
C GLU B 36 -16.13 30.21 -13.22
N PHE B 37 -15.77 29.11 -12.56
CA PHE B 37 -16.49 27.87 -12.80
C PHE B 37 -17.09 27.32 -11.50
N ARG B 38 -16.34 26.47 -10.80
CA ARG B 38 -16.81 25.90 -9.57
C ARG B 38 -15.65 25.84 -8.60
N TYR B 39 -15.94 26.08 -7.32
CA TYR B 39 -14.89 26.10 -6.29
C TYR B 39 -14.34 24.72 -5.96
N GLY B 40 -13.03 24.65 -5.75
CA GLY B 40 -12.33 23.39 -5.58
C GLY B 40 -11.37 23.16 -6.73
N GLY B 41 -11.69 23.70 -7.91
CA GLY B 41 -10.81 23.62 -9.08
C GLY B 41 -10.82 22.26 -9.77
N THR B 42 -9.93 22.08 -10.72
CA THR B 42 -9.84 20.82 -11.47
C THR B 42 -9.86 19.60 -10.58
N CYS B 43 -8.88 19.48 -9.68
CA CYS B 43 -8.67 18.20 -8.96
C CYS B 43 -9.95 17.68 -8.35
N VAL B 44 -10.57 18.52 -7.53
CA VAL B 44 -11.87 18.22 -6.94
C VAL B 44 -12.93 17.92 -8.00
N ILE B 45 -13.11 18.85 -8.95
CA ILE B 45 -14.25 18.79 -9.87
C ILE B 45 -14.11 17.88 -11.10
N ARG B 46 -12.96 17.93 -11.77
CA ARG B 46 -12.71 17.10 -12.96
C ARG B 46 -11.25 16.67 -13.07
N GLY B 47 -10.72 16.20 -11.95
CA GLY B 47 -9.35 15.72 -11.88
C GLY B 47 -9.28 14.53 -10.95
N CYS B 48 -8.33 14.58 -10.03
CA CYS B 48 -7.98 13.48 -9.13
C CYS B 48 -9.16 12.82 -8.44
N VAL B 49 -10.10 13.62 -7.92
CA VAL B 49 -11.19 13.06 -7.13
C VAL B 49 -12.08 12.15 -7.99
N PRO B 50 -12.76 12.71 -9.03
CA PRO B 50 -13.61 11.84 -9.84
C PRO B 50 -12.78 10.77 -10.52
N LYS B 51 -11.63 11.15 -11.05
CA LYS B 51 -10.72 10.20 -11.66
C LYS B 51 -10.62 8.93 -10.81
N LYS B 52 -10.29 9.10 -9.53
CA LYS B 52 -10.02 7.97 -8.68
C LYS B 52 -11.30 7.24 -8.30
N LEU B 53 -12.39 7.99 -8.15
CA LEU B 53 -13.68 7.39 -7.88
C LEU B 53 -14.08 6.44 -9.01
N TYR B 54 -13.84 6.90 -10.24
CA TYR B 54 -14.13 6.12 -11.45
C TYR B 54 -13.16 4.97 -11.61
N VAL B 55 -11.90 5.17 -11.22
CA VAL B 55 -10.97 4.04 -11.13
C VAL B 55 -11.53 2.94 -10.20
N TYR B 56 -12.01 3.32 -9.01
CA TYR B 56 -12.68 2.37 -8.11
C TYR B 56 -13.90 1.69 -8.77
N ALA B 57 -14.72 2.45 -9.48
CA ALA B 57 -15.88 1.89 -10.15
C ALA B 57 -15.44 0.82 -11.15
N SER B 58 -14.40 1.10 -11.93
CA SER B 58 -13.93 0.15 -12.93
C SER B 58 -13.35 -1.12 -12.32
N GLN B 59 -12.77 -1.00 -11.13
CA GLN B 59 -12.11 -2.13 -10.47
C GLN B 59 -13.06 -3.24 -10.03
N PHE B 60 -14.32 -2.90 -9.72
CA PHE B 60 -15.22 -3.90 -9.14
C PHE B 60 -15.46 -5.12 -10.04
N ALA B 61 -15.26 -4.92 -11.35
CA ALA B 61 -15.42 -5.99 -12.33
C ALA B 61 -14.36 -7.07 -12.14
N GLU B 62 -13.16 -6.63 -11.75
CA GLU B 62 -12.05 -7.55 -11.54
C GLU B 62 -12.26 -8.28 -10.23
N HIS B 63 -12.74 -7.56 -9.22
CA HIS B 63 -13.10 -8.14 -7.92
C HIS B 63 -14.08 -9.27 -8.10
N PHE B 64 -15.04 -9.08 -9.00
CA PHE B 64 -16.06 -10.09 -9.19
C PHE B 64 -15.48 -11.37 -9.76
N GLU B 65 -14.50 -11.25 -10.65
CA GLU B 65 -13.93 -12.43 -11.29
C GLU B 65 -12.98 -13.14 -10.34
N ASP B 66 -12.18 -12.35 -9.62
CA ASP B 66 -11.20 -12.88 -8.70
C ASP B 66 -11.93 -13.74 -7.68
N ALA B 67 -13.16 -13.33 -7.39
CA ALA B 67 -13.95 -13.91 -6.33
C ALA B 67 -14.13 -15.39 -6.55
N ALA B 68 -14.46 -15.75 -7.78
CA ALA B 68 -14.63 -17.13 -8.19
C ALA B 68 -13.54 -18.03 -7.62
N GLY B 69 -12.29 -17.60 -7.73
CA GLY B 69 -11.17 -18.41 -7.28
C GLY B 69 -11.11 -18.71 -5.80
N PHE B 70 -11.87 -17.95 -5.00
CA PHE B 70 -11.85 -18.12 -3.56
C PHE B 70 -13.10 -18.76 -3.02
N GLY B 71 -13.90 -19.31 -3.93
CA GLY B 71 -15.08 -20.09 -3.54
C GLY B 71 -16.40 -19.34 -3.59
N TRP B 72 -16.38 -18.11 -4.08
CA TRP B 72 -17.62 -17.38 -4.24
C TRP B 72 -18.21 -17.64 -5.58
N THR B 73 -19.51 -17.88 -5.62
CA THR B 73 -20.24 -17.84 -6.87
C THR B 73 -20.98 -16.53 -6.80
N VAL B 74 -20.71 -15.68 -7.78
CA VAL B 74 -21.28 -14.35 -7.78
C VAL B 74 -22.46 -14.24 -8.74
N GLY B 75 -23.54 -13.63 -8.25
CA GLY B 75 -24.71 -13.32 -9.08
C GLY B 75 -24.37 -12.40 -10.26
N GLU B 76 -25.28 -12.28 -11.21
CA GLU B 76 -25.09 -11.38 -12.34
C GLU B 76 -24.93 -9.94 -11.81
N SER B 77 -24.11 -9.14 -12.50
CA SER B 77 -23.86 -7.78 -12.05
C SER B 77 -24.14 -6.83 -13.18
N ARG B 78 -24.82 -5.74 -12.87
CA ARG B 78 -25.10 -4.72 -13.87
C ARG B 78 -24.43 -3.44 -13.46
N PHE B 79 -23.86 -2.74 -14.43
CA PHE B 79 -23.31 -1.42 -14.17
C PHE B 79 -24.19 -0.33 -14.79
N ASP B 80 -24.56 0.65 -13.97
CA ASP B 80 -25.34 1.79 -14.43
C ASP B 80 -24.52 3.08 -14.45
N TRP B 81 -23.96 3.40 -15.61
CA TRP B 81 -23.17 4.61 -15.80
C TRP B 81 -23.81 5.82 -15.16
N ALA B 82 -25.11 5.98 -15.39
CA ALA B 82 -25.86 7.10 -14.84
C ALA B 82 -25.75 7.20 -13.32
N LYS B 83 -25.96 6.07 -12.63
CA LYS B 83 -25.90 6.02 -11.16
C LYS B 83 -24.54 6.44 -10.59
N LEU B 84 -23.49 6.27 -11.39
CA LEU B 84 -22.13 6.66 -11.00
C LEU B 84 -21.97 8.14 -11.12
N VAL B 85 -22.41 8.68 -12.26
CA VAL B 85 -22.36 10.13 -12.51
C VAL B 85 -23.20 10.85 -11.45
N ALA B 86 -24.37 10.31 -11.14
CA ALA B 86 -25.21 10.83 -10.06
C ALA B 86 -24.44 10.90 -8.74
N ALA B 87 -23.82 9.78 -8.39
CA ALA B 87 -23.04 9.64 -7.16
C ALA B 87 -21.86 10.62 -7.13
N LYS B 88 -21.08 10.61 -8.21
CA LYS B 88 -19.93 11.50 -8.36
C LYS B 88 -20.37 12.94 -8.21
N GLU B 89 -21.43 13.32 -8.92
CA GLU B 89 -21.94 14.67 -8.86
C GLU B 89 -22.19 15.11 -7.42
N GLN B 90 -22.80 14.23 -6.62
CA GLN B 90 -23.21 14.62 -5.27
C GLN B 90 -22.03 14.89 -4.38
N GLU B 91 -21.01 14.03 -4.51
CA GLU B 91 -19.78 14.15 -3.77
C GLU B 91 -18.99 15.39 -4.16
N ILE B 92 -19.00 15.75 -5.43
CA ILE B 92 -18.23 16.92 -5.83
C ILE B 92 -18.95 18.23 -5.44
N ALA B 93 -20.27 18.17 -5.37
CA ALA B 93 -21.08 19.27 -4.81
C ALA B 93 -20.74 19.42 -3.33
N ARG B 94 -20.58 18.28 -2.66
CA ARG B 94 -20.28 18.21 -1.24
C ARG B 94 -18.92 18.83 -0.96
N LEU B 95 -17.90 18.34 -1.66
CA LEU B 95 -16.55 18.89 -1.55
C LEU B 95 -16.49 20.40 -1.80
N GLU B 96 -17.02 20.84 -2.94
CA GLU B 96 -17.16 22.26 -3.27
C GLU B 96 -17.81 23.05 -2.12
N GLY B 97 -18.95 22.56 -1.62
CA GLY B 97 -19.60 23.15 -0.45
C GLY B 97 -18.59 23.52 0.63
N LEU B 98 -17.90 22.51 1.16
CA LEU B 98 -16.91 22.68 2.22
C LEU B 98 -15.74 23.62 1.88
N TYR B 99 -15.22 23.52 0.65
CA TYR B 99 -14.15 24.42 0.20
C TYR B 99 -14.60 25.88 0.24
N ARG B 100 -15.83 26.13 -0.21
CA ARG B 100 -16.47 27.44 -0.12
C ARG B 100 -16.63 27.90 1.33
N LYS B 101 -16.97 26.97 2.22
CA LYS B 101 -17.24 27.33 3.61
C LYS B 101 -15.95 27.66 4.35
N GLY B 102 -14.87 26.97 4.01
CA GLY B 102 -13.56 27.24 4.61
C GLY B 102 -13.15 28.68 4.41
N LEU B 103 -13.50 29.22 3.25
CA LEU B 103 -13.16 30.59 2.88
C LEU B 103 -14.04 31.61 3.61
N ALA B 104 -15.31 31.28 3.77
CA ALA B 104 -16.26 32.13 4.50
C ALA B 104 -15.93 32.18 5.98
N ASN B 105 -15.40 31.07 6.52
CA ASN B 105 -15.00 30.98 7.93
C ASN B 105 -13.75 31.77 8.26
N ALA B 106 -12.74 31.62 7.39
CA ALA B 106 -11.46 32.29 7.55
C ALA B 106 -11.58 33.81 7.34
N GLY B 107 -12.72 34.26 6.85
CA GLY B 107 -13.03 35.69 6.75
C GLY B 107 -12.84 36.27 5.37
N ALA B 108 -12.58 35.41 4.40
CA ALA B 108 -12.35 35.84 3.03
C ALA B 108 -13.65 36.15 2.32
N GLU B 109 -13.60 37.08 1.37
CA GLU B 109 -14.77 37.44 0.59
C GLU B 109 -14.75 36.73 -0.77
N ILE B 110 -15.77 35.89 -0.97
CA ILE B 110 -15.85 34.94 -2.09
C ILE B 110 -16.65 35.50 -3.27
N LEU B 111 -16.14 35.34 -4.49
CA LEU B 111 -16.76 35.94 -5.69
C LEU B 111 -16.94 34.98 -6.87
N ASP B 112 -18.13 35.02 -7.47
CA ASP B 112 -18.48 34.20 -8.62
C ASP B 112 -18.32 34.99 -9.92
N THR B 113 -17.14 34.89 -10.54
CA THR B 113 -16.92 35.47 -11.86
C THR B 113 -15.59 35.08 -12.48
N ARG B 114 -15.40 35.39 -13.75
CA ARG B 114 -14.09 35.36 -14.36
C ARG B 114 -13.43 36.66 -14.02
N ALA B 115 -12.15 36.65 -13.70
CA ALA B 115 -11.46 37.87 -13.29
C ALA B 115 -10.23 38.08 -14.15
N GLU B 116 -9.92 39.29 -14.52
CA GLU B 116 -8.83 39.57 -15.43
C GLU B 116 -7.97 40.72 -14.94
N LEU B 117 -6.75 40.82 -15.40
CA LEU B 117 -5.85 41.88 -14.98
C LEU B 117 -6.11 43.12 -15.79
N ALA B 118 -6.06 44.28 -15.14
CA ALA B 118 -6.25 45.56 -15.82
C ALA B 118 -4.93 46.34 -15.79
N GLY B 119 -4.79 47.19 -14.78
CA GLY B 119 -3.54 47.90 -14.55
C GLY B 119 -2.48 47.00 -13.94
N PRO B 120 -1.52 47.63 -13.21
CA PRO B 120 -0.39 46.90 -12.63
C PRO B 120 -0.78 46.18 -11.34
N ASN B 121 -1.78 46.72 -10.64
CA ASN B 121 -2.34 46.08 -9.45
C ASN B 121 -3.84 46.39 -9.36
N THR B 122 -4.50 46.17 -10.49
CA THR B 122 -5.93 46.39 -10.65
C THR B 122 -6.52 45.12 -11.26
N VAL B 123 -7.67 44.71 -10.74
CA VAL B 123 -8.36 43.50 -11.19
C VAL B 123 -9.73 43.84 -11.76
N LYS B 124 -9.93 43.45 -13.02
CA LYS B 124 -11.20 43.65 -13.74
C LYS B 124 -12.10 42.45 -13.45
N LEU B 125 -13.30 42.71 -12.91
CA LEU B 125 -14.26 41.65 -12.54
C LEU B 125 -15.39 41.59 -13.55
N LEU B 126 -15.54 40.46 -14.23
CA LEU B 126 -16.49 40.41 -15.35
C LEU B 126 -17.99 40.41 -14.98
N ALA B 127 -18.37 39.59 -14.00
CA ALA B 127 -19.79 39.38 -13.64
C ALA B 127 -20.51 40.63 -13.15
N SER B 128 -19.75 41.54 -12.55
CA SER B 128 -20.29 42.80 -12.03
C SER B 128 -19.75 44.00 -12.80
N GLY B 129 -18.68 43.78 -13.57
CA GLY B 129 -18.08 44.82 -14.39
C GLY B 129 -17.31 45.91 -13.65
N LYS B 130 -16.91 45.61 -12.41
CA LYS B 130 -16.23 46.58 -11.55
C LYS B 130 -14.70 46.48 -11.63
N THR B 131 -14.04 47.49 -11.07
CA THR B 131 -12.60 47.46 -10.91
C THR B 131 -12.24 47.43 -9.43
N VAL B 132 -11.30 46.55 -9.09
CA VAL B 132 -10.80 46.43 -7.74
C VAL B 132 -9.27 46.58 -7.74
N THR B 133 -8.71 47.08 -6.65
CA THR B 133 -7.25 47.20 -6.52
C THR B 133 -6.73 46.38 -5.36
N ALA B 134 -5.54 45.82 -5.54
CA ALA B 134 -4.95 44.95 -4.53
C ALA B 134 -3.44 45.12 -4.43
N GLU B 135 -2.91 44.97 -3.22
CA GLU B 135 -1.47 45.03 -3.01
C GLU B 135 -0.82 43.81 -3.69
N ARG B 136 -1.15 42.61 -3.23
CA ARG B 136 -0.76 41.39 -3.92
C ARG B 136 -1.89 40.84 -4.77
N ILE B 137 -1.55 40.33 -5.94
CA ILE B 137 -2.48 39.55 -6.74
C ILE B 137 -1.87 38.20 -7.00
N VAL B 138 -2.56 37.14 -6.57
CA VAL B 138 -2.14 35.77 -6.83
C VAL B 138 -2.93 35.19 -7.99
N ILE B 139 -2.22 34.78 -9.03
CA ILE B 139 -2.86 34.10 -10.17
C ILE B 139 -2.67 32.61 -10.07
N ALA B 140 -3.69 31.92 -9.56
CA ALA B 140 -3.72 30.46 -9.48
C ALA B 140 -4.79 29.96 -10.44
N VAL B 141 -4.55 30.17 -11.73
CA VAL B 141 -5.60 30.05 -12.73
C VAL B 141 -5.70 28.67 -13.37
N GLY B 142 -4.60 27.94 -13.35
CA GLY B 142 -4.61 26.56 -13.82
C GLY B 142 -4.49 26.42 -15.33
N GLY B 143 -5.00 25.30 -15.84
CA GLY B 143 -4.97 25.00 -17.26
C GLY B 143 -6.28 24.50 -17.81
N HIS B 144 -6.20 23.89 -19.00
CA HIS B 144 -7.34 23.32 -19.72
C HIS B 144 -6.79 22.38 -20.76
N PRO B 145 -7.62 21.39 -21.21
CA PRO B 145 -7.22 20.41 -22.22
C PRO B 145 -6.89 21.05 -23.56
N SER B 146 -5.76 20.66 -24.15
CA SER B 146 -5.24 21.24 -25.39
C SER B 146 -6.24 21.22 -26.55
N PRO B 147 -6.23 22.28 -27.40
CA PRO B 147 -7.32 22.53 -28.34
C PRO B 147 -7.37 21.60 -29.56
N HIS B 148 -6.21 21.45 -30.21
CA HIS B 148 -6.07 20.71 -31.49
C HIS B 148 -7.09 21.11 -32.53
N ASP B 149 -7.42 22.39 -32.57
CA ASP B 149 -8.40 22.93 -33.49
C ASP B 149 -8.02 22.68 -34.96
N ALA B 150 -6.71 22.68 -35.22
CA ALA B 150 -6.16 22.45 -36.56
C ALA B 150 -6.53 21.08 -37.13
N LEU B 151 -6.91 20.16 -36.26
CA LEU B 151 -7.44 18.87 -36.70
C LEU B 151 -8.95 18.96 -36.97
N PRO B 152 -9.38 18.61 -38.20
CA PRO B 152 -10.81 18.65 -38.53
C PRO B 152 -11.67 17.71 -37.67
N GLY B 153 -12.81 18.23 -37.20
CA GLY B 153 -13.78 17.43 -36.47
C GLY B 153 -13.63 17.45 -34.96
N HIS B 154 -12.66 18.21 -34.46
CA HIS B 154 -12.37 18.28 -33.01
C HIS B 154 -13.59 18.56 -32.16
N GLU B 155 -14.53 19.30 -32.74
CA GLU B 155 -15.80 19.65 -32.11
C GLU B 155 -16.59 18.42 -31.68
N LEU B 156 -16.42 17.32 -32.40
CA LEU B 156 -17.13 16.05 -32.12
C LEU B 156 -16.52 15.32 -30.92
N CYS B 157 -15.26 15.57 -30.66
CA CYS B 157 -14.49 14.87 -29.64
C CYS B 157 -14.75 15.39 -28.25
N ILE B 158 -14.32 14.62 -27.26
CA ILE B 158 -14.38 15.04 -25.87
C ILE B 158 -13.02 15.00 -25.17
N THR B 159 -13.04 15.41 -23.90
CA THR B 159 -11.84 15.60 -23.13
C THR B 159 -12.20 15.18 -21.73
N SER B 160 -11.21 15.22 -20.84
CA SER B 160 -11.42 15.01 -19.41
C SER B 160 -12.61 15.82 -18.89
N ASN B 161 -12.79 17.01 -19.45
CA ASN B 161 -13.87 17.92 -19.06
C ASN B 161 -15.27 17.35 -19.16
N GLU B 162 -15.52 16.48 -20.16
CA GLU B 162 -16.85 15.87 -20.33
C GLU B 162 -16.81 14.35 -20.22
N ALA B 163 -15.62 13.79 -20.09
CA ALA B 163 -15.44 12.35 -20.03
C ALA B 163 -16.22 11.76 -18.85
N PHE B 164 -16.37 12.56 -17.79
CA PHE B 164 -17.08 12.16 -16.57
C PHE B 164 -18.60 12.26 -16.66
N ASP B 165 -19.08 13.12 -17.56
CA ASP B 165 -20.50 13.53 -17.57
C ASP B 165 -21.27 13.12 -18.83
N LEU B 166 -20.83 12.03 -19.45
CA LEU B 166 -21.38 11.61 -20.74
C LEU B 166 -22.81 11.12 -20.64
N PRO B 167 -23.61 11.33 -21.71
CA PRO B 167 -24.92 10.71 -21.87
C PRO B 167 -24.94 9.23 -21.46
N ALA B 168 -24.01 8.44 -22.00
CA ALA B 168 -23.98 7.01 -21.71
C ALA B 168 -22.59 6.42 -21.77
N LEU B 169 -22.45 5.23 -21.18
CA LEU B 169 -21.28 4.43 -21.38
C LEU B 169 -21.22 4.01 -22.86
N PRO B 170 -20.09 4.28 -23.54
CA PRO B 170 -19.98 3.84 -24.93
C PRO B 170 -19.78 2.35 -25.05
N GLU B 171 -20.12 1.78 -26.20
CA GLU B 171 -19.75 0.41 -26.51
C GLU B 171 -18.25 0.37 -26.79
N SER B 172 -17.74 1.41 -27.45
CA SER B 172 -16.31 1.50 -27.77
C SER B 172 -15.80 2.95 -27.77
N ILE B 173 -14.51 3.09 -27.45
CA ILE B 173 -13.87 4.42 -27.38
C ILE B 173 -12.49 4.40 -28.00
N LEU B 174 -12.13 5.53 -28.56
CA LEU B 174 -10.76 5.78 -28.98
C LEU B 174 -10.17 6.89 -28.11
N ILE B 175 -9.01 6.60 -27.52
CA ILE B 175 -8.27 7.60 -26.74
C ILE B 175 -6.94 7.90 -27.41
N ALA B 176 -6.61 9.19 -27.50
CA ALA B 176 -5.39 9.65 -28.16
C ALA B 176 -4.42 10.34 -27.19
N GLY B 177 -3.16 9.96 -27.28
CA GLY B 177 -2.15 10.42 -26.32
C GLY B 177 -1.57 9.27 -25.53
N GLY B 178 -0.47 9.53 -24.84
CA GLY B 178 0.21 8.50 -24.07
C GLY B 178 0.53 8.97 -22.67
N GLY B 179 -0.27 9.92 -22.17
CA GLY B 179 -0.02 10.53 -20.87
C GLY B 179 -0.65 9.74 -19.76
N TYR B 180 -0.59 10.29 -18.54
CA TYR B 180 -1.21 9.63 -17.40
C TYR B 180 -2.75 9.73 -17.40
N ILE B 181 -3.28 10.81 -17.97
CA ILE B 181 -4.70 10.99 -18.11
C ILE B 181 -5.26 10.04 -19.17
N ALA B 182 -4.48 9.81 -20.23
CA ALA B 182 -4.92 8.96 -21.33
C ALA B 182 -5.05 7.50 -20.87
N VAL B 183 -4.00 7.00 -20.22
CA VAL B 183 -3.96 5.59 -19.84
C VAL B 183 -4.84 5.31 -18.63
N GLU B 184 -5.11 6.35 -17.83
CA GLU B 184 -6.09 6.23 -16.77
C GLU B 184 -7.47 5.90 -17.35
N PHE B 185 -7.95 6.74 -18.26
CA PHE B 185 -9.29 6.54 -18.83
C PHE B 185 -9.42 5.22 -19.59
N ALA B 186 -8.38 4.85 -20.34
CA ALA B 186 -8.39 3.59 -21.07
C ALA B 186 -8.64 2.40 -20.13
N ASN B 187 -7.97 2.38 -18.98
CA ASN B 187 -8.16 1.34 -17.97
C ASN B 187 -9.45 1.50 -17.19
N ILE B 188 -9.95 2.73 -17.13
CA ILE B 188 -11.28 2.96 -16.57
C ILE B 188 -12.33 2.34 -17.48
N PHE B 189 -12.45 2.84 -18.71
CA PHE B 189 -13.46 2.33 -19.65
C PHE B 189 -13.36 0.85 -19.96
N HIS B 190 -12.14 0.34 -20.11
CA HIS B 190 -11.97 -1.09 -20.35
C HIS B 190 -12.53 -1.89 -19.22
N GLY B 191 -12.14 -1.56 -17.99
CA GLY B 191 -12.73 -2.17 -16.81
C GLY B 191 -14.25 -2.21 -16.85
N LEU B 192 -14.85 -1.17 -17.40
CA LEU B 192 -16.31 -1.09 -17.46
C LEU B 192 -16.91 -1.69 -18.76
N GLY B 193 -16.14 -2.55 -19.43
CA GLY B 193 -16.62 -3.30 -20.58
C GLY B 193 -16.55 -2.62 -21.95
N VAL B 194 -16.19 -1.34 -21.97
CA VAL B 194 -16.00 -0.60 -23.24
C VAL B 194 -14.82 -1.17 -24.04
N LYS B 195 -15.06 -1.41 -25.32
CA LYS B 195 -14.00 -1.75 -26.26
C LYS B 195 -13.08 -0.54 -26.36
N THR B 196 -11.83 -0.73 -25.94
CA THR B 196 -10.93 0.38 -25.76
C THR B 196 -9.75 0.31 -26.70
N THR B 197 -9.45 1.44 -27.33
CA THR B 197 -8.31 1.55 -28.21
C THR B 197 -7.50 2.81 -27.88
N LEU B 198 -6.17 2.67 -27.93
CA LEU B 198 -5.25 3.74 -27.58
C LEU B 198 -4.31 4.06 -28.74
N ILE B 199 -4.22 5.34 -29.08
CA ILE B 199 -3.39 5.82 -30.21
C ILE B 199 -2.47 6.94 -29.75
N TYR B 200 -1.24 6.94 -30.24
CA TYR B 200 -0.19 7.76 -29.67
C TYR B 200 0.91 8.03 -30.67
N ARG B 201 1.51 9.21 -30.56
CA ARG B 201 2.57 9.67 -31.48
C ARG B 201 3.92 9.01 -31.23
N GLY B 202 4.28 8.83 -29.96
CA GLY B 202 5.60 8.33 -29.54
C GLY B 202 5.77 6.84 -29.73
N LYS B 203 6.99 6.36 -29.51
CA LYS B 203 7.27 4.93 -29.70
C LYS B 203 6.66 4.11 -28.57
N GLU B 204 6.89 4.56 -27.36
CA GLU B 204 6.39 3.87 -26.17
CA GLU B 204 6.40 3.88 -26.16
C GLU B 204 5.56 4.82 -25.31
N ILE B 205 4.41 4.34 -24.87
CA ILE B 205 3.55 5.13 -24.00
C ILE B 205 4.31 5.62 -22.77
N LEU B 206 3.75 6.60 -22.07
CA LEU B 206 4.33 7.16 -20.84
C LEU B 206 5.83 7.47 -20.91
N SER B 207 6.22 8.05 -22.05
CA SER B 207 7.61 8.33 -22.40
C SER B 207 8.53 8.83 -21.27
N ARG B 208 8.01 9.61 -20.34
CA ARG B 208 8.92 10.14 -19.34
C ARG B 208 9.15 9.24 -18.11
N PHE B 209 8.44 8.10 -18.07
CA PHE B 209 8.60 7.09 -17.03
C PHE B 209 9.68 6.06 -17.40
N ASP B 210 10.07 5.25 -16.42
CA ASP B 210 11.11 4.22 -16.59
C ASP B 210 10.69 3.14 -17.61
N GLN B 211 11.66 2.68 -18.41
CA GLN B 211 11.45 1.67 -19.46
C GLN B 211 10.60 0.44 -19.05
N ASP B 212 10.82 -0.05 -17.83
CA ASP B 212 10.04 -1.18 -17.32
C ASP B 212 8.58 -0.84 -17.02
N ARG B 214 6.97 1.69 -18.62
CA ARG B 214 6.38 1.97 -19.91
C ARG B 214 6.06 0.66 -20.59
N ARG B 215 7.05 -0.24 -20.60
CA ARG B 215 6.93 -1.49 -21.34
C ARG B 215 6.04 -2.52 -20.62
N GLY B 216 6.05 -2.49 -19.29
CA GLY B 216 5.20 -3.38 -18.51
C GLY B 216 3.72 -3.04 -18.55
N LEU B 217 3.40 -1.76 -18.58
CA LEU B 217 2.01 -1.36 -18.57
C LEU B 217 1.41 -1.66 -19.93
N HIS B 218 2.21 -1.42 -20.96
CA HIS B 218 1.89 -1.80 -22.33
C HIS B 218 1.45 -3.23 -22.37
N ALA B 219 2.35 -4.14 -22.01
CA ALA B 219 2.13 -5.58 -22.15
C ALA B 219 0.85 -6.06 -21.48
N ALA B 220 0.60 -5.60 -20.26
CA ALA B 220 -0.57 -6.01 -19.48
C ALA B 220 -1.86 -5.48 -20.09
N GLU B 222 -2.36 -4.68 -23.27
CA GLU B 222 -2.58 -5.45 -24.48
C GLU B 222 -3.11 -6.84 -24.12
N GLU B 223 -2.40 -7.52 -23.21
CA GLU B 223 -2.83 -8.84 -22.76
C GLU B 223 -4.26 -8.85 -22.28
N LYS B 224 -4.70 -7.77 -21.64
CA LYS B 224 -6.09 -7.68 -21.16
C LYS B 224 -7.05 -7.17 -22.24
N GLY B 225 -6.51 -6.76 -23.39
CA GLY B 225 -7.33 -6.50 -24.56
C GLY B 225 -7.57 -5.06 -24.96
N ILE B 226 -6.61 -4.18 -24.67
CA ILE B 226 -6.71 -2.80 -25.09
C ILE B 226 -5.76 -2.65 -26.27
N ARG B 227 -6.32 -2.34 -27.43
CA ARG B 227 -5.51 -2.25 -28.63
C ARG B 227 -4.73 -0.96 -28.52
N ILE B 228 -3.41 -1.06 -28.71
CA ILE B 228 -2.51 0.09 -28.63
C ILE B 228 -1.75 0.24 -29.94
N LEU B 229 -1.92 1.39 -30.58
CA LEU B 229 -1.30 1.67 -31.85
C LEU B 229 -0.29 2.76 -31.61
N CYS B 230 0.98 2.38 -31.44
CA CYS B 230 2.05 3.35 -31.19
C CYS B 230 2.65 3.85 -32.50
N GLU B 231 3.20 5.07 -32.46
CA GLU B 231 3.77 5.75 -33.61
C GLU B 231 2.72 6.08 -34.68
N ASP B 232 1.51 6.41 -34.24
CA ASP B 232 0.43 6.71 -35.18
C ASP B 232 -0.39 7.90 -34.69
N ILE B 233 -1.35 8.32 -35.50
CA ILE B 233 -1.96 9.64 -35.38
C ILE B 233 -3.31 9.67 -36.07
N ILE B 234 -4.21 10.54 -35.59
CA ILE B 234 -5.44 10.82 -36.33
C ILE B 234 -5.25 12.01 -37.28
N GLN B 235 -5.69 11.85 -38.53
CA GLN B 235 -5.68 12.95 -39.47
C GLN B 235 -6.94 13.80 -39.30
N SER B 236 -8.08 13.13 -39.10
CA SER B 236 -9.38 13.79 -39.02
C SER B 236 -10.41 12.96 -38.25
N VAL B 237 -11.43 13.64 -37.71
CA VAL B 237 -12.59 12.96 -37.14
C VAL B 237 -13.86 13.48 -37.81
N SER B 238 -14.65 12.56 -38.35
CA SER B 238 -15.98 12.88 -38.88
C SER B 238 -17.00 11.86 -38.39
N ALA B 239 -18.28 12.15 -38.59
CA ALA B 239 -19.35 11.28 -38.12
C ALA B 239 -19.98 10.45 -39.25
N ASP B 240 -20.36 9.22 -38.93
CA ASP B 240 -21.22 8.41 -39.80
C ASP B 240 -22.68 8.80 -39.54
N ALA B 241 -23.59 8.29 -40.38
CA ALA B 241 -25.01 8.61 -40.25
C ALA B 241 -25.64 8.17 -38.92
N ASP B 242 -24.83 7.62 -38.00
CA ASP B 242 -25.30 7.06 -36.73
C ASP B 242 -24.98 7.92 -35.50
N GLY B 243 -24.24 9.00 -35.69
CA GLY B 243 -23.78 9.81 -34.54
C GLY B 243 -22.51 9.26 -33.91
N ARG B 244 -22.10 8.06 -34.34
CA ARG B 244 -20.80 7.48 -33.98
C ARG B 244 -19.68 8.30 -34.64
N ARG B 245 -18.44 8.07 -34.23
CA ARG B 245 -17.32 8.83 -34.78
C ARG B 245 -16.38 8.00 -35.68
N VAL B 246 -15.99 8.59 -36.79
CA VAL B 246 -15.03 7.98 -37.71
C VAL B 246 -13.73 8.80 -37.69
N ALA B 247 -12.68 8.18 -37.17
CA ALA B 247 -11.37 8.81 -37.11
C ALA B 247 -10.37 8.18 -38.07
N THR B 248 -9.83 9.03 -38.95
CA THR B 248 -8.86 8.58 -39.93
C THR B 248 -7.47 8.62 -39.31
N THR B 249 -6.79 7.47 -39.36
CA THR B 249 -5.40 7.38 -38.92
C THR B 249 -4.48 7.45 -40.13
N LYS B 251 -1.67 5.20 -40.28
CA LYS B 251 -1.10 3.88 -40.51
C LYS B 251 -2.02 2.70 -40.15
N HIS B 252 -3.06 2.95 -39.37
CA HIS B 252 -3.94 1.88 -38.97
C HIS B 252 -5.33 2.04 -39.52
N GLY B 253 -5.40 2.53 -40.76
CA GLY B 253 -6.67 2.72 -41.46
C GLY B 253 -7.63 3.66 -40.75
N GLU B 254 -8.89 3.25 -40.68
CA GLU B 254 -9.91 4.07 -40.05
C GLU B 254 -10.59 3.29 -38.96
N ILE B 255 -10.99 4.01 -37.91
CA ILE B 255 -11.50 3.39 -36.69
C ILE B 255 -12.81 4.05 -36.27
N VAL B 256 -13.84 3.23 -36.07
CA VAL B 256 -15.19 3.70 -35.79
C VAL B 256 -15.53 3.48 -34.33
N ALA B 257 -15.73 4.56 -33.59
CA ALA B 257 -16.03 4.46 -32.16
C ALA B 257 -17.19 5.35 -31.75
N ASP B 258 -17.83 5.00 -30.63
CA ASP B 258 -18.89 5.81 -30.05
C ASP B 258 -18.36 7.19 -29.66
N GLN B 259 -17.14 7.22 -29.12
CA GLN B 259 -16.50 8.46 -28.67
C GLN B 259 -15.03 8.56 -29.12
N VAL B 260 -14.57 9.78 -29.32
CA VAL B 260 -13.15 10.04 -29.50
C VAL B 260 -12.69 11.00 -28.40
N LEU B 262 -9.60 13.16 -26.65
CA LEU B 262 -8.31 13.78 -26.86
C LEU B 262 -7.67 14.08 -25.51
N ALA B 263 -6.61 13.34 -25.20
CA ALA B 263 -5.83 13.55 -23.98
C ALA B 263 -4.36 13.77 -24.34
N LEU B 264 -4.15 14.67 -25.30
CA LEU B 264 -2.79 15.04 -25.70
C LEU B 264 -2.44 16.37 -25.06
N GLY B 265 -1.88 16.31 -23.85
CA GLY B 265 -1.42 17.51 -23.16
C GLY B 265 -2.47 18.45 -22.56
N ARG B 266 -1.95 19.37 -21.75
CA ARG B 266 -2.74 20.46 -21.20
C ARG B 266 -2.00 21.79 -21.37
N PRO B 268 -2.00 26.24 -20.06
CA PRO B 268 -2.42 27.21 -19.04
C PRO B 268 -3.45 28.22 -19.54
N ASN B 269 -4.43 28.54 -18.68
CA ASN B 269 -5.48 29.49 -19.00
C ASN B 269 -4.99 30.93 -19.04
N THR B 270 -4.22 31.30 -20.06
CA THR B 270 -3.57 32.61 -20.10
C THR B 270 -4.02 33.55 -21.23
N ASN B 271 -4.64 33.00 -22.27
CA ASN B 271 -5.14 33.80 -23.39
C ASN B 271 -6.13 34.85 -22.92
N GLY B 272 -5.76 36.12 -23.08
CA GLY B 272 -6.61 37.22 -22.68
C GLY B 272 -6.93 37.20 -21.19
N LEU B 273 -5.87 37.17 -20.39
CA LEU B 273 -5.98 37.30 -18.95
C LEU B 273 -5.52 38.70 -18.54
N GLY B 274 -4.75 39.34 -19.40
CA GLY B 274 -4.25 40.70 -19.16
C GLY B 274 -2.78 40.68 -18.85
N LEU B 275 -2.08 39.70 -19.42
CA LEU B 275 -0.69 39.42 -19.03
C LEU B 275 0.36 40.36 -19.64
N GLU B 276 0.08 40.92 -20.81
CA GLU B 276 0.93 41.97 -21.36
C GLU B 276 0.52 43.28 -20.72
N ALA B 277 -0.78 43.40 -20.43
CA ALA B 277 -1.37 44.58 -19.80
C ALA B 277 -0.92 44.81 -18.34
N ALA B 278 -0.36 43.79 -17.71
CA ALA B 278 0.18 43.93 -16.37
C ALA B 278 1.70 43.79 -16.33
N GLY B 279 2.28 43.27 -17.41
CA GLY B 279 3.74 43.14 -17.56
C GLY B 279 4.30 41.80 -17.13
N VAL B 280 3.49 40.76 -17.31
CA VAL B 280 3.79 39.44 -16.79
C VAL B 280 4.38 38.52 -17.86
N ARG B 281 5.70 38.38 -17.81
CA ARG B 281 6.49 37.57 -18.75
C ARG B 281 6.03 36.10 -18.82
N THR B 282 5.68 35.68 -20.04
CA THR B 282 5.14 34.36 -20.31
C THR B 282 5.97 33.62 -21.35
N ASN B 283 6.24 32.33 -21.13
CA ASN B 283 7.04 31.54 -22.07
C ASN B 283 6.27 31.09 -23.30
N GLU B 284 6.94 30.38 -24.20
CA GLU B 284 6.33 29.97 -25.48
C GLU B 284 5.27 28.89 -25.30
N LEU B 285 5.45 28.02 -24.32
CA LEU B 285 4.40 27.07 -23.93
C LEU B 285 3.13 27.80 -23.48
N GLY B 286 3.25 29.11 -23.24
CA GLY B 286 2.15 29.94 -22.74
C GLY B 286 2.13 30.10 -21.23
N ALA B 287 3.08 29.47 -20.52
CA ALA B 287 3.12 29.44 -19.05
C ALA B 287 3.79 30.65 -18.39
N ILE B 288 3.40 30.96 -17.16
CA ILE B 288 3.93 32.12 -16.44
C ILE B 288 5.29 31.82 -15.76
N ILE B 289 6.29 32.62 -16.14
CA ILE B 289 7.61 32.50 -15.59
C ILE B 289 7.63 33.20 -14.23
N VAL B 290 8.01 32.43 -13.21
CA VAL B 290 8.11 32.95 -11.84
C VAL B 290 9.44 32.51 -11.24
N ASP B 291 9.88 33.22 -10.21
CA ASP B 291 11.12 32.86 -9.51
C ASP B 291 10.88 31.90 -8.33
N ALA B 292 11.86 31.82 -7.44
CA ALA B 292 11.85 30.86 -6.35
C ALA B 292 10.80 31.17 -5.28
N PHE B 293 10.13 32.30 -5.43
CA PHE B 293 9.15 32.77 -4.45
C PHE B 293 7.76 32.92 -5.07
N SER B 294 7.65 32.41 -6.29
CA SER B 294 6.42 32.40 -7.09
C SER B 294 6.01 33.79 -7.57
N ARG B 295 6.96 34.73 -7.53
CA ARG B 295 6.70 36.10 -8.00
C ARG B 295 6.98 36.28 -9.50
N THR B 296 6.09 37.01 -10.16
CA THR B 296 6.20 37.25 -11.59
C THR B 296 7.12 38.42 -11.89
N SER B 297 7.20 38.75 -13.17
CA SER B 297 7.84 39.97 -13.66
C SER B 297 7.33 41.24 -12.99
N THR B 298 6.01 41.36 -12.84
CA THR B 298 5.44 42.49 -12.09
C THR B 298 5.57 42.20 -10.59
N PRO B 299 6.01 43.23 -9.82
CA PRO B 299 6.11 43.25 -8.37
C PRO B 299 4.97 42.60 -7.59
N GLY B 300 3.77 43.18 -7.63
CA GLY B 300 2.69 42.70 -6.76
C GLY B 300 1.97 41.43 -7.20
N ILE B 301 2.43 40.83 -8.29
CA ILE B 301 1.77 39.69 -8.91
C ILE B 301 2.53 38.38 -8.69
N TYR B 302 1.81 37.35 -8.23
CA TYR B 302 2.38 36.02 -8.01
C TYR B 302 1.61 34.98 -8.81
N ALA B 303 2.29 33.88 -9.14
CA ALA B 303 1.67 32.81 -9.93
C ALA B 303 2.04 31.46 -9.36
N LEU B 304 1.04 30.58 -9.25
CA LEU B 304 1.23 29.27 -8.65
C LEU B 304 0.25 28.23 -9.18
N GLY B 305 0.75 27.01 -9.35
CA GLY B 305 -0.05 25.90 -9.85
C GLY B 305 0.32 25.54 -11.27
N ASP B 306 -0.64 24.97 -11.98
CA ASP B 306 -0.42 24.52 -13.36
C ASP B 306 -0.07 25.68 -14.28
N VAL B 307 -0.56 26.87 -13.93
CA VAL B 307 -0.35 28.05 -14.77
C VAL B 307 1.14 28.29 -15.03
N THR B 308 1.99 27.81 -14.13
CA THR B 308 3.42 28.04 -14.24
C THR B 308 4.10 26.97 -15.06
N ASP B 309 3.37 25.90 -15.36
CA ASP B 309 3.86 24.77 -16.17
C ASP B 309 5.18 24.16 -15.68
N ARG B 310 5.41 24.18 -14.37
CA ARG B 310 6.50 23.40 -13.81
C ARG B 310 5.97 21.97 -13.64
N VAL B 311 5.82 21.51 -12.40
CA VAL B 311 5.18 20.21 -12.17
C VAL B 311 3.69 20.38 -11.84
N GLN B 312 2.84 19.70 -12.62
CA GLN B 312 1.40 19.97 -12.65
C GLN B 312 0.58 18.94 -11.87
N LEU B 313 0.72 18.97 -10.55
CA LEU B 313 -0.05 18.11 -9.66
C LEU B 313 -0.58 18.96 -8.48
N THR B 314 -1.57 18.43 -7.78
CA THR B 314 -2.24 19.15 -6.69
C THR B 314 -1.34 19.51 -5.49
N PRO B 315 -0.58 18.53 -4.93
CA PRO B 315 0.21 18.87 -3.73
C PRO B 315 1.25 19.95 -4.04
N VAL B 316 1.57 20.14 -5.31
CA VAL B 316 2.54 21.15 -5.71
C VAL B 316 1.91 22.54 -5.61
N ALA B 317 0.69 22.69 -6.12
CA ALA B 317 -0.05 23.94 -5.95
C ALA B 317 -0.20 24.33 -4.48
N ILE B 318 -0.44 23.32 -3.63
CA ILE B 318 -0.66 23.55 -2.19
C ILE B 318 0.62 24.00 -1.47
N HIS B 319 1.73 23.31 -1.71
CA HIS B 319 3.05 23.68 -1.19
C HIS B 319 3.45 25.11 -1.52
N GLU B 320 3.19 25.53 -2.76
CA GLU B 320 3.52 26.86 -3.22
C GLU B 320 2.66 27.91 -2.57
N ALA B 321 1.39 27.58 -2.37
CA ALA B 321 0.46 28.46 -1.67
C ALA B 321 0.99 28.74 -0.26
N CYS B 323 4.14 28.25 1.04
CA CYS B 323 5.42 28.95 0.99
C CYS B 323 5.24 30.41 0.58
N PHE B 324 4.28 30.67 -0.31
CA PHE B 324 3.87 32.05 -0.56
C PHE B 324 3.45 32.75 0.74
N ILE B 325 2.46 32.23 1.46
CA ILE B 325 2.01 32.86 2.72
C ILE B 325 3.13 33.03 3.75
N GLU B 326 3.98 32.02 3.90
CA GLU B 326 5.11 32.11 4.82
C GLU B 326 6.00 33.30 4.44
N THR B 327 6.28 33.43 3.15
CA THR B 327 7.18 34.44 2.64
C THR B 327 6.57 35.83 2.74
N GLU B 328 5.32 35.96 2.32
CA GLU B 328 4.73 37.28 2.21
C GLU B 328 4.11 37.80 3.50
N TYR B 329 3.59 36.90 4.33
CA TYR B 329 2.85 37.32 5.50
C TYR B 329 3.51 36.96 6.81
N LYS B 330 3.81 35.67 7.02
CA LYS B 330 4.36 35.21 8.29
C LYS B 330 5.81 35.62 8.49
N ASN B 331 6.29 36.55 7.66
CA ASN B 331 7.68 37.04 7.74
C ASN B 331 8.77 35.93 7.70
N ASN B 332 8.50 34.83 7.00
CA ASN B 332 9.41 33.71 6.99
C ASN B 332 9.61 33.22 5.55
N PRO B 333 10.54 33.86 4.83
CA PRO B 333 10.81 33.50 3.45
C PRO B 333 11.12 32.01 3.30
N THR B 334 10.54 31.41 2.26
CA THR B 334 10.65 29.98 2.00
C THR B 334 10.37 29.75 0.55
N SER B 335 11.23 28.97 -0.11
CA SER B 335 11.07 28.65 -1.52
C SER B 335 10.43 27.28 -1.68
N PRO B 336 9.37 27.18 -2.50
CA PRO B 336 8.79 25.86 -2.73
C PRO B 336 9.82 24.93 -3.37
N ASP B 337 9.76 23.66 -2.99
CA ASP B 337 10.72 22.64 -3.42
C ASP B 337 10.14 21.77 -4.53
N HIS B 338 10.91 21.47 -5.57
CA HIS B 338 10.40 20.62 -6.64
C HIS B 338 11.30 19.44 -6.86
N ASP B 339 12.25 19.29 -5.95
CA ASP B 339 13.16 18.17 -5.89
C ASP B 339 12.39 16.89 -5.54
N LEU B 340 12.70 15.79 -6.24
CA LEU B 340 12.32 14.41 -5.84
C LEU B 340 10.86 14.14 -5.57
N ILE B 341 9.97 14.74 -6.35
CA ILE B 341 8.55 14.48 -6.21
C ILE B 341 8.20 13.05 -6.66
N ALA B 342 7.51 12.32 -5.79
CA ALA B 342 6.98 10.98 -6.09
C ALA B 342 5.63 11.17 -6.73
N THR B 343 5.27 10.29 -7.67
CA THR B 343 3.99 10.41 -8.39
C THR B 343 3.29 9.08 -8.56
N ALA B 344 2.02 9.15 -8.93
CA ALA B 344 1.24 7.93 -9.16
C ALA B 344 0.44 8.04 -10.45
N VAL B 345 0.22 6.91 -11.11
CA VAL B 345 -0.68 6.84 -12.24
C VAL B 345 -1.71 5.78 -11.91
N PHE B 346 -2.99 6.15 -11.98
CA PHE B 346 -4.00 5.18 -11.59
C PHE B 346 -4.51 4.33 -12.74
N SER B 347 -3.57 3.77 -13.47
CA SER B 347 -3.86 2.75 -14.46
C SER B 347 -4.07 1.45 -13.73
N GLN B 348 -4.65 0.47 -14.42
CA GLN B 348 -4.72 -0.88 -13.91
C GLN B 348 -3.79 -1.71 -14.79
N PRO B 349 -2.71 -2.28 -14.20
CA PRO B 349 -2.24 -2.12 -12.82
C PRO B 349 -1.65 -0.72 -12.60
N GLU B 350 -1.59 -0.29 -11.32
CA GLU B 350 -1.09 1.03 -10.93
C GLU B 350 0.40 1.20 -11.20
N ILE B 351 0.81 2.46 -11.32
CA ILE B 351 2.21 2.85 -11.34
C ILE B 351 2.49 3.80 -10.17
N GLY B 352 3.53 3.49 -9.41
CA GLY B 352 4.07 4.37 -8.40
C GLY B 352 5.53 4.59 -8.69
N THR B 353 5.94 5.86 -8.82
CA THR B 353 7.34 6.17 -9.06
C THR B 353 7.86 7.38 -8.26
N VAL B 354 9.12 7.30 -7.89
CA VAL B 354 9.82 8.41 -7.27
C VAL B 354 11.26 8.31 -7.77
N GLY B 355 11.95 9.44 -7.88
CA GLY B 355 13.34 9.42 -8.30
C GLY B 355 13.49 9.36 -9.81
N ILE B 356 14.69 9.02 -10.26
CA ILE B 356 14.99 9.10 -11.69
C ILE B 356 14.94 7.75 -12.39
N THR B 357 14.68 7.84 -13.69
CA THR B 357 14.62 6.70 -14.59
C THR B 357 15.96 5.98 -14.75
N GLU B 358 15.94 4.71 -15.15
CA GLU B 358 17.14 3.95 -15.56
C GLU B 358 17.99 4.66 -16.62
N GLU B 359 17.36 5.01 -17.74
CA GLU B 359 18.03 5.76 -18.83
C GLU B 359 18.62 7.11 -18.37
N GLU B 360 17.89 7.78 -17.47
CA GLU B 360 18.29 9.08 -16.94
C GLU B 360 19.45 8.94 -15.95
N ALA B 361 19.32 7.95 -15.06
CA ALA B 361 20.41 7.58 -14.13
C ALA B 361 21.65 7.13 -14.90
N ALA B 362 21.44 6.44 -16.03
CA ALA B 362 22.56 5.94 -16.82
C ALA B 362 23.32 7.08 -17.45
N ARG B 363 22.62 8.15 -17.82
CA ARG B 363 23.30 9.35 -18.33
C ARG B 363 24.02 10.11 -17.20
N LYS B 364 23.34 10.26 -16.07
CA LYS B 364 23.83 11.02 -14.92
C LYS B 364 25.06 10.43 -14.21
N PHE B 365 25.08 9.12 -13.95
CA PHE B 365 26.18 8.46 -13.24
C PHE B 365 26.93 7.50 -14.13
N GLN B 366 28.02 6.93 -13.64
CA GLN B 366 28.84 6.11 -14.50
C GLN B 366 28.78 4.64 -14.12
N GLU B 367 28.38 4.34 -12.90
CA GLU B 367 28.11 2.96 -12.48
C GLU B 367 26.76 2.91 -11.75
N ILE B 368 25.79 2.21 -12.33
CA ILE B 368 24.47 2.08 -11.72
C ILE B 368 24.00 0.63 -11.65
N GLU B 369 23.36 0.29 -10.53
CA GLU B 369 22.94 -1.08 -10.31
C GLU B 369 21.44 -1.17 -10.37
N VAL B 370 20.96 -2.20 -11.05
CA VAL B 370 19.53 -2.38 -11.19
C VAL B 370 19.08 -3.64 -10.47
N TYR B 371 18.10 -3.46 -9.60
CA TYR B 371 17.51 -4.53 -8.84
C TYR B 371 16.08 -4.65 -9.33
N ARG B 372 15.73 -5.81 -9.88
CA ARG B 372 14.41 -5.96 -10.52
C ARG B 372 13.65 -7.20 -10.09
N ALA B 373 12.44 -7.00 -9.58
CA ALA B 373 11.57 -8.10 -9.21
C ALA B 373 10.35 -8.15 -10.14
N GLU B 374 9.96 -9.35 -10.55
CA GLU B 374 8.73 -9.56 -11.33
C GLU B 374 8.10 -10.88 -10.94
N PHE B 375 6.82 -10.81 -10.58
CA PHE B 375 6.16 -11.96 -9.95
C PHE B 375 4.65 -11.90 -10.03
N ARG B 376 4.03 -13.07 -9.89
CA ARG B 376 2.60 -13.20 -9.79
C ARG B 376 2.22 -12.84 -8.35
N PRO B 377 1.38 -11.79 -8.18
CA PRO B 377 0.91 -11.37 -6.85
C PRO B 377 0.21 -12.53 -6.18
N LYS B 379 -2.63 -12.97 -4.52
CA LYS B 379 -4.02 -13.09 -4.88
C LYS B 379 -4.21 -13.74 -6.24
N ALA B 380 -3.31 -13.45 -7.17
CA ALA B 380 -3.44 -13.95 -8.54
C ALA B 380 -3.33 -15.46 -8.55
N THR B 381 -2.49 -15.96 -7.66
CA THR B 381 -2.32 -17.39 -7.43
C THR B 381 -3.61 -18.18 -7.43
N LEU B 382 -4.67 -17.59 -6.84
CA LEU B 382 -5.96 -18.28 -6.73
C LEU B 382 -7.00 -17.64 -7.62
N SER B 383 -6.95 -16.31 -7.76
CA SER B 383 -7.82 -15.58 -8.70
C SER B 383 -7.69 -16.11 -10.13
N GLY B 384 -6.49 -16.53 -10.51
CA GLY B 384 -6.21 -17.05 -11.84
C GLY B 384 -5.87 -15.98 -12.87
N ARG B 385 -5.83 -14.73 -12.42
CA ARG B 385 -5.48 -13.58 -13.22
C ARG B 385 -4.05 -13.71 -13.78
N LYS B 386 -3.83 -13.20 -15.00
CA LYS B 386 -2.46 -13.10 -15.50
C LYS B 386 -1.95 -11.66 -15.39
N GLU B 387 -1.29 -11.40 -14.27
CA GLU B 387 -0.74 -10.10 -13.99
C GLU B 387 0.62 -10.32 -13.32
N LYS B 388 1.49 -9.34 -13.41
CA LYS B 388 2.76 -9.44 -12.73
C LYS B 388 3.06 -8.11 -12.09
N THR B 389 3.59 -8.16 -10.90
CA THR B 389 4.04 -6.96 -10.26
C THR B 389 5.53 -6.80 -10.58
N ILE B 390 5.88 -5.63 -11.12
CA ILE B 390 7.27 -5.29 -11.36
C ILE B 390 7.74 -4.21 -10.37
N LYS B 392 11.24 -2.16 -9.39
CA LYS B 392 12.58 -1.83 -9.86
C LYS B 392 13.22 -0.73 -9.03
N LEU B 393 14.42 -1.02 -8.53
CA LEU B 393 15.24 -0.04 -7.84
C LEU B 393 16.46 0.25 -8.69
N VAL B 394 16.75 1.55 -8.85
CA VAL B 394 17.96 2.02 -9.54
C VAL B 394 18.89 2.62 -8.49
N VAL B 395 20.14 2.18 -8.48
CA VAL B 395 21.06 2.52 -7.41
C VAL B 395 22.36 3.08 -7.98
N ASN B 396 22.86 4.18 -7.42
CA ASN B 396 24.17 4.69 -7.78
C ASN B 396 25.26 3.91 -7.06
N ALA B 397 26.16 3.30 -7.84
CA ALA B 397 27.15 2.37 -7.32
C ALA B 397 28.20 3.02 -6.43
N ALA B 398 28.37 4.33 -6.58
CA ALA B 398 29.46 5.06 -5.92
C ALA B 398 29.16 5.34 -4.44
N ASP B 399 27.94 5.82 -4.17
CA ASP B 399 27.51 6.15 -2.81
C ASP B 399 26.41 5.19 -2.35
N ARG B 400 26.09 4.22 -3.19
CA ARG B 400 25.02 3.25 -2.91
C ARG B 400 23.65 3.88 -2.66
N LYS B 401 23.39 5.04 -3.26
CA LYS B 401 22.08 5.62 -3.07
C LYS B 401 21.05 5.04 -4.02
N VAL B 402 19.81 4.96 -3.54
CA VAL B 402 18.70 4.62 -4.39
C VAL B 402 18.23 5.92 -5.06
N VAL B 403 18.43 6.01 -6.36
CA VAL B 403 18.16 7.25 -7.07
C VAL B 403 16.81 7.20 -7.79
N GLY B 404 16.18 6.03 -7.75
CA GLY B 404 14.89 5.81 -8.41
C GLY B 404 14.23 4.53 -7.95
N ALA B 405 12.91 4.57 -7.75
CA ALA B 405 12.13 3.42 -7.32
C ALA B 405 10.86 3.39 -8.15
N HIS B 406 10.61 2.25 -8.81
CA HIS B 406 9.48 2.12 -9.74
C HIS B 406 8.69 0.86 -9.54
N ILE B 407 7.40 1.02 -9.22
CA ILE B 407 6.53 -0.10 -8.91
C ILE B 407 5.42 -0.13 -9.93
N LEU B 408 5.05 -1.34 -10.34
CA LEU B 408 3.91 -1.59 -11.21
C LEU B 408 3.08 -2.69 -10.59
N GLY B 409 1.89 -2.33 -10.09
CA GLY B 409 1.05 -3.32 -9.42
C GLY B 409 0.20 -2.77 -8.29
N HIS B 410 -0.48 -3.67 -7.59
CA HIS B 410 -1.47 -3.28 -6.62
C HIS B 410 -0.88 -2.41 -5.55
N ASP B 411 -1.60 -1.31 -5.27
CA ASP B 411 -1.23 -0.32 -4.26
C ASP B 411 0.06 0.45 -4.55
N ALA B 412 0.51 0.44 -5.80
CA ALA B 412 1.76 1.10 -6.16
C ALA B 412 1.78 2.59 -5.80
N GLY B 413 0.64 3.26 -5.92
CA GLY B 413 0.56 4.68 -5.59
C GLY B 413 0.93 4.93 -4.13
N GLU B 414 0.35 4.15 -3.23
CA GLU B 414 0.60 4.31 -1.80
C GLU B 414 2.07 4.09 -1.48
N ALA B 416 4.57 4.49 -3.58
CA ALA B 416 5.31 5.63 -4.13
C ALA B 416 5.53 6.70 -3.07
N GLN B 417 4.45 7.06 -2.38
CA GLN B 417 4.49 8.02 -1.31
C GLN B 417 5.58 7.66 -0.35
N LEU B 418 5.54 6.44 0.15
CA LEU B 418 6.43 6.11 1.25
C LEU B 418 7.88 5.96 0.84
N LEU B 419 8.11 5.48 -0.38
CA LEU B 419 9.48 5.49 -0.90
C LEU B 419 9.96 6.92 -1.07
N GLY B 420 9.04 7.80 -1.47
CA GLY B 420 9.29 9.24 -1.46
C GLY B 420 10.13 9.71 -0.28
N ILE B 421 9.70 9.37 0.94
CA ILE B 421 10.45 9.73 2.16
C ILE B 421 11.86 9.11 2.19
N SER B 422 11.95 7.84 1.83
CA SER B 422 13.22 7.11 1.81
C SER B 422 14.24 7.68 0.82
N LEU B 423 13.80 8.05 -0.37
CA LEU B 423 14.70 8.65 -1.34
C LEU B 423 14.98 10.13 -1.00
N ARG B 424 14.00 10.77 -0.37
CA ARG B 424 14.14 12.14 0.12
C ARG B 424 15.30 12.29 1.10
N ALA B 425 15.35 11.41 2.10
CA ALA B 425 16.41 11.41 3.10
C ALA B 425 17.67 10.67 2.62
N GLY B 426 17.80 10.51 1.30
CA GLY B 426 18.93 9.81 0.68
C GLY B 426 19.33 8.45 1.25
N CYS B 427 18.36 7.56 1.51
CA CYS B 427 18.66 6.19 1.94
C CYS B 427 19.40 5.40 0.87
N THR B 428 20.13 4.39 1.33
CA THR B 428 20.99 3.57 0.51
C THR B 428 20.33 2.22 0.26
N LYS B 429 20.73 1.54 -0.80
CA LYS B 429 20.30 0.18 -1.06
C LYS B 429 20.60 -0.68 0.15
N ASP B 430 21.63 -0.30 0.91
CA ASP B 430 21.99 -0.97 2.14
C ASP B 430 20.94 -0.80 3.22
N ASP B 431 20.35 0.38 3.30
CA ASP B 431 19.29 0.62 4.25
C ASP B 431 18.11 -0.30 3.97
N PHE B 432 17.79 -0.48 2.69
CA PHE B 432 16.74 -1.38 2.31
C PHE B 432 17.09 -2.78 2.76
N ASP B 433 18.33 -3.20 2.53
CA ASP B 433 18.71 -4.58 2.80
C ASP B 433 18.69 -4.93 4.28
N ARG B 434 19.08 -3.97 5.11
CA ARG B 434 19.02 -4.13 6.57
C ARG B 434 17.59 -4.13 7.09
N THR B 435 16.65 -3.63 6.29
CA THR B 435 15.27 -3.60 6.74
C THR B 435 14.69 -5.01 6.74
N ALA B 437 12.02 -7.86 6.54
CA ALA B 437 10.84 -8.09 5.73
C ALA B 437 9.58 -8.17 6.59
N VAL B 438 8.44 -7.82 5.99
CA VAL B 438 7.13 -8.06 6.57
C VAL B 438 6.45 -9.07 5.67
N HIS B 439 6.08 -10.21 6.24
CA HIS B 439 5.54 -11.31 5.47
C HIS B 439 4.14 -11.70 5.92
N PRO B 440 3.21 -11.90 4.96
CA PRO B 440 3.41 -11.71 3.54
C PRO B 440 2.88 -10.38 3.02
N THR B 441 3.73 -9.69 2.25
CA THR B 441 3.34 -8.52 1.52
C THR B 441 4.08 -8.54 0.17
N ALA B 442 3.74 -7.60 -0.70
CA ALA B 442 4.51 -7.36 -1.90
C ALA B 442 5.79 -6.56 -1.60
N ALA B 443 5.65 -5.52 -0.78
CA ALA B 443 6.75 -4.58 -0.53
C ALA B 443 8.02 -5.25 0.01
N GLU B 444 7.88 -6.41 0.62
CA GLU B 444 9.03 -7.18 1.07
C GLU B 444 9.97 -7.60 -0.07
N GLU B 445 9.54 -7.47 -1.31
CA GLU B 445 10.43 -7.74 -2.43
C GLU B 445 11.54 -6.68 -2.55
N LEU B 446 11.26 -5.48 -2.05
CA LEU B 446 12.23 -4.39 -2.06
C LEU B 446 13.36 -4.53 -1.02
N VAL B 447 13.12 -5.32 0.03
CA VAL B 447 14.10 -5.44 1.10
C VAL B 447 14.90 -6.74 1.07
N THR B 448 14.80 -7.51 -0.02
CA THR B 448 15.48 -8.80 -0.09
C THR B 448 16.28 -9.05 -1.37
N TYR B 450 19.19 -8.89 -2.59
CA TYR B 450 20.61 -8.69 -2.21
C TYR B 450 21.58 -8.58 -3.41
N GLN B 451 21.32 -9.34 -4.48
CA GLN B 451 22.11 -9.22 -5.71
C GLN B 451 21.43 -8.36 -6.78
N PRO B 452 22.24 -7.56 -7.50
CA PRO B 452 21.71 -6.78 -8.62
C PRO B 452 21.25 -7.71 -9.73
N SER B 453 20.22 -7.31 -10.46
CA SER B 453 19.81 -8.02 -11.66
C SER B 453 20.85 -7.86 -12.76
N TYR B 454 21.39 -6.65 -12.86
CA TYR B 454 22.38 -6.29 -13.86
C TYR B 454 22.95 -4.89 -13.54
N ARG B 455 24.01 -4.49 -14.25
CA ARG B 455 24.62 -3.18 -14.06
C ARG B 455 24.48 -2.33 -15.31
N VAL B 456 24.88 -1.06 -15.24
CA VAL B 456 25.05 -0.19 -16.39
C VAL B 456 26.28 0.65 -16.14
N ARG B 457 27.24 0.55 -17.05
CA ARG B 457 28.52 1.24 -16.91
C ARG B 457 28.81 1.94 -18.22
N ASN B 458 28.93 3.27 -18.13
CA ASN B 458 29.18 4.15 -19.30
C ASN B 458 28.11 4.11 -20.36
N GLY B 459 26.87 3.89 -19.92
CA GLY B 459 25.73 3.80 -20.82
C GLY B 459 25.45 2.39 -21.29
N GLU B 460 26.26 1.42 -20.89
CA GLU B 460 26.13 0.03 -21.37
C GLU B 460 25.69 -0.92 -20.27
N ARG B 461 24.62 -1.67 -20.54
CA ARG B 461 24.21 -2.74 -19.65
C ARG B 461 25.26 -3.82 -19.65
N VAL B 462 25.57 -4.33 -18.47
CA VAL B 462 26.49 -5.43 -18.34
C VAL B 462 25.84 -6.57 -17.55
N GLY B 463 25.48 -6.30 -16.30
CA GLY B 463 25.06 -7.36 -15.39
C GLY B 463 26.23 -7.94 -14.64
#